data_9IQG
#
_entry.id   9IQG
#
_cell.length_a   1.00
_cell.length_b   1.00
_cell.length_c   1.00
_cell.angle_alpha   90.00
_cell.angle_beta   90.00
_cell.angle_gamma   90.00
#
_symmetry.space_group_name_H-M   'P 1'
#
loop_
_entity.id
_entity.type
_entity.pdbx_description
1 polymer 'ABC transporter, ATP-binding protein'
2 polymer 'ABC transporter transmembrane region'
3 non-polymer "ADENOSINE-5'-TRIPHOSPHATE"
4 non-polymer 'MAGNESIUM ION'
5 non-polymer "ADENOSINE-5'-DIPHOSPHATE"
6 non-polymer 'VANADATE ION'
#
loop_
_entity_poly.entity_id
_entity_poly.type
_entity_poly.pdbx_seq_one_letter_code
_entity_poly.pdbx_strand_id
1 'polypeptide(L)'
;MPEVVGSYFQSNMLWALLRQYVRPYRWLLAVVAVLQVISNMASLYLPTVNAAIIDDGVAKGDTARIVELGAVMLGVTALQ
VVCAVGAVFFGARAATGFGHDLRAAVFTHVTTFSAEEAGRFGAASLLTRTTNDVGHIQQLVQLTVTMLITAPIMSIGGIF
MALHQDAGLSWLLLVSVPVLGLANYWIIRHLMPVFTRMQSLIDGINRVLRDQLSGIRVIRAFAREPLERVRFAEANQTLS
DSALEAGRWQALMLPVTTLVINVSSVALIWFGGLRIDAGQMQVGSLIAFLAYFMQILMAVLMATFMLVIFPRAAVCADRI
GEVLSTQTAITNPADPVRPAAIAGDIGVHDATFCYPGADRPVLQDVSFTVPRGTTTAVVGSTGSGKSTLISLICRLYDVT
SGSLRIDGVDVRDLDIEQLWSAIGLVPQRGYLFSGTVAENLRYGRADATDDEMWEALRVAAAADFVRAHPQGLDMPVAQG
GINFSGGQRQRLAIARAVIRRPAIYLFDDAFSALDVHTDARVRDALREVAADATVVIVSQRISTVIEADQVVVIDDGRVV
GIGTHDTLLADCPIYAEFAESQALTAGEPR
;
A
2 'polypeptide(L)'
;MRRGALPQAPLERTRDFKGSAIRLARRLLPQRALTLAVILLGVGGIAIGVIGPRILGHATDLLFNGVIGRELPAGLTKEQ
AVEAARARGDGTFADLLSGMDIVPGQGVDFGAVGRTLALALGLYLVAALLVWVQARLLNVTVQRTMVALRAEVQEKIHRL
PLSYFDSRQRGEVLSRVTNDVDNIQNSVSMTISQLLTSVLTVFAVLVMMLTISPLLTLFTVVTVPASLWVTRWITRRSQP
LFVAQWRNTGRLAAHLEETYSGFTIVKTFGHREAAAGKFAELNSETQQSSFGAQFFSGLVSPATMFIGNLSYVAVAVVGG
LQVATGQITLGSIQAFIQYVRQFNQPLTQVAGMYNTLQSGIASAERVFDLLDTEEESADSPRRADVRTGRVEFEHVSFSY
VPGTPVIEDLSLVAEPGSTVAIVGPTGAGKTTLVNLLMRFYDVDSGRITIDGVDIASVSRESLRASIGMVLQDTWLFAGT
IYDNIAYGRPDADEDEVIEAATAAYVDRFVHTLPNGYDTRVDDDGGAISAGEKQLITIARAVLARPKLLVLDEATSSVDT
RTELLIAHAMAELRRDRTSFIIAHRLSTIRDADLILVMDSGRIIERGTHEELLARHGRYWEMTRVHLGGIKAFHHHHHHH
HHH
;
B
#
loop_
_chem_comp.id
_chem_comp.type
_chem_comp.name
_chem_comp.formula
ADP non-polymer ADENOSINE-5'-DIPHOSPHATE 'C10 H15 N5 O10 P2'
ATP non-polymer ADENOSINE-5'-TRIPHOSPHATE 'C10 H16 N5 O13 P3'
MG non-polymer 'MAGNESIUM ION' 'Mg 2'
VO4 non-polymer 'VANADATE ION' 'O4 V -3'
#
# COMPACT_ATOMS: atom_id res chain seq x y z
N GLN A 10 14.15 4.02 18.12
CA GLN A 10 14.92 3.10 17.28
C GLN A 10 14.82 3.51 15.81
N SER A 11 15.94 4.05 15.29
CA SER A 11 16.02 4.43 13.89
C SER A 11 17.39 4.07 13.30
N ASN A 12 18.02 3.03 13.85
CA ASN A 12 19.36 2.66 13.39
C ASN A 12 19.35 2.20 11.93
N MET A 13 18.32 1.45 11.54
CA MET A 13 18.25 0.94 10.17
C MET A 13 17.96 2.06 9.18
N LEU A 14 17.18 3.06 9.58
CA LEU A 14 16.88 4.17 8.67
C LEU A 14 18.14 4.91 8.26
N TRP A 15 19.00 5.22 9.22
CA TRP A 15 20.24 5.91 8.91
C TRP A 15 21.17 5.06 8.06
N ALA A 16 21.21 3.75 8.32
CA ALA A 16 22.03 2.87 7.48
C ALA A 16 21.55 2.86 6.05
N LEU A 17 20.23 2.76 5.85
CA LEU A 17 19.68 2.77 4.49
C LEU A 17 19.97 4.09 3.79
N LEU A 18 19.79 5.22 4.50
CA LEU A 18 20.08 6.51 3.90
C LEU A 18 21.54 6.63 3.53
N ARG A 19 22.43 6.25 4.45
CA ARG A 19 23.86 6.33 4.19
C ARG A 19 24.25 5.47 2.99
N GLN A 20 23.64 4.29 2.86
CA GLN A 20 24.01 3.40 1.77
C GLN A 20 23.47 3.87 0.42
N TYR A 21 22.23 4.34 0.39
CA TYR A 21 21.55 4.54 -0.90
C TYR A 21 21.40 6.00 -1.28
N VAL A 22 21.97 6.94 -0.52
CA VAL A 22 22.06 8.32 -0.97
C VAL A 22 23.49 8.70 -1.33
N ARG A 23 24.45 7.81 -1.10
CA ARG A 23 25.84 8.09 -1.40
C ARG A 23 26.09 8.49 -2.86
N PRO A 24 25.51 7.87 -3.88
CA PRO A 24 25.72 8.36 -5.25
C PRO A 24 25.18 9.77 -5.48
N TYR A 25 24.28 10.27 -4.62
CA TYR A 25 23.66 11.57 -4.81
C TYR A 25 24.09 12.58 -3.75
N ARG A 26 25.20 12.34 -3.07
CA ARG A 26 25.67 13.28 -2.05
C ARG A 26 26.11 14.60 -2.67
N TRP A 27 26.67 14.57 -3.88
CA TRP A 27 27.05 15.82 -4.53
C TRP A 27 25.82 16.63 -4.93
N LEU A 28 24.76 15.96 -5.39
CA LEU A 28 23.50 16.66 -5.64
C LEU A 28 22.95 17.24 -4.35
N LEU A 29 23.08 16.51 -3.25
CA LEU A 29 22.65 17.05 -1.95
C LEU A 29 23.45 18.28 -1.57
N ALA A 30 24.75 18.27 -1.80
CA ALA A 30 25.58 19.43 -1.50
C ALA A 30 25.18 20.63 -2.35
N VAL A 31 24.90 20.39 -3.64
CA VAL A 31 24.45 21.47 -4.50
C VAL A 31 23.12 22.02 -4.02
N VAL A 32 22.20 21.14 -3.62
CA VAL A 32 20.91 21.56 -3.11
C VAL A 32 21.09 22.40 -1.84
N ALA A 33 21.97 21.96 -0.95
CA ALA A 33 22.21 22.72 0.27
C ALA A 33 22.77 24.10 -0.02
N VAL A 34 23.72 24.19 -0.95
CA VAL A 34 24.31 25.48 -1.29
C VAL A 34 23.25 26.41 -1.89
N LEU A 35 22.46 25.90 -2.83
CA LEU A 35 21.43 26.72 -3.46
C LEU A 35 20.37 27.14 -2.45
N GLN A 36 20.02 26.24 -1.51
CA GLN A 36 19.04 26.58 -0.50
C GLN A 36 19.55 27.66 0.44
N VAL A 37 20.81 27.57 0.86
CA VAL A 37 21.32 28.62 1.74
C VAL A 37 21.40 29.95 0.99
N ILE A 38 21.76 29.92 -0.30
CA ILE A 38 21.83 31.17 -1.05
C ILE A 38 20.45 31.80 -1.18
N SER A 39 19.43 30.99 -1.50
CA SER A 39 18.08 31.53 -1.65
C SER A 39 17.55 32.03 -0.31
N ASN A 40 17.82 31.31 0.78
CA ASN A 40 17.34 31.75 2.09
C ASN A 40 18.02 33.03 2.54
N MET A 41 19.32 33.17 2.29
CA MET A 41 20.00 34.42 2.63
C MET A 41 19.53 35.57 1.73
N ALA A 42 19.18 35.29 0.47
CA ALA A 42 18.61 36.35 -0.36
C ALA A 42 17.25 36.82 0.17
N SER A 43 16.40 35.86 0.56
CA SER A 43 15.10 36.21 1.12
C SER A 43 15.24 36.92 2.46
N LEU A 44 16.29 36.61 3.22
CA LEU A 44 16.56 37.35 4.45
C LEU A 44 17.18 38.71 4.19
N TYR A 45 17.89 38.86 3.08
CA TYR A 45 18.57 40.11 2.77
C TYR A 45 17.62 41.15 2.19
N LEU A 46 16.55 40.73 1.54
CA LEU A 46 15.55 41.69 1.08
C LEU A 46 15.05 42.61 2.18
N PRO A 47 14.66 42.13 3.37
CA PRO A 47 14.33 43.06 4.46
C PRO A 47 15.49 43.95 4.89
N THR A 48 16.73 43.48 4.76
CA THR A 48 17.87 44.35 5.07
C THR A 48 17.94 45.53 4.11
N VAL A 49 17.68 45.28 2.82
CA VAL A 49 17.62 46.38 1.86
C VAL A 49 16.44 47.29 2.15
N ASN A 50 15.32 46.73 2.61
CA ASN A 50 14.20 47.57 3.01
C ASN A 50 14.56 48.47 4.18
N ALA A 51 15.28 47.92 5.16
CA ALA A 51 15.77 48.70 6.29
C ALA A 51 16.72 49.80 5.81
N ALA A 52 17.57 49.49 4.84
CA ALA A 52 18.45 50.50 4.27
C ALA A 52 17.66 51.59 3.57
N ILE A 53 16.58 51.22 2.89
CA ILE A 53 15.70 52.20 2.26
C ILE A 53 15.13 53.14 3.32
N ILE A 54 14.69 52.58 4.44
CA ILE A 54 14.12 53.41 5.50
C ILE A 54 15.18 54.33 6.11
N ASP A 55 16.35 53.77 6.44
CA ASP A 55 17.37 54.55 7.13
C ASP A 55 18.03 55.56 6.22
N ASP A 56 18.41 55.15 5.01
CA ASP A 56 19.19 56.01 4.12
C ASP A 56 18.32 56.91 3.25
N GLY A 57 17.22 56.39 2.73
CA GLY A 57 16.38 57.17 1.86
C GLY A 57 15.32 57.99 2.58
N VAL A 58 14.48 57.31 3.37
CA VAL A 58 13.34 57.98 3.97
C VAL A 58 13.80 58.97 5.04
N ALA A 59 14.72 58.54 5.91
CA ALA A 59 15.14 59.39 7.03
C ALA A 59 15.95 60.60 6.57
N LYS A 60 16.45 60.59 5.35
CA LYS A 60 17.24 61.70 4.83
C LYS A 60 16.61 62.32 3.57
N GLY A 61 15.43 61.87 3.17
CA GLY A 61 14.78 62.41 2.00
C GLY A 61 15.52 62.16 0.70
N ASP A 62 16.19 61.02 0.59
CA ASP A 62 16.99 60.69 -0.60
C ASP A 62 16.22 59.67 -1.42
N THR A 63 15.43 60.17 -2.38
CA THR A 63 14.64 59.29 -3.21
C THR A 63 15.50 58.51 -4.20
N ALA A 64 16.61 59.09 -4.65
CA ALA A 64 17.52 58.38 -5.53
C ALA A 64 18.07 57.13 -4.86
N ARG A 65 18.40 57.23 -3.57
CA ARG A 65 18.84 56.05 -2.84
C ARG A 65 17.74 55.01 -2.74
N ILE A 66 16.49 55.45 -2.59
CA ILE A 66 15.37 54.52 -2.54
C ILE A 66 15.26 53.75 -3.85
N VAL A 67 15.38 54.45 -4.98
CA VAL A 67 15.29 53.79 -6.27
C VAL A 67 16.47 52.83 -6.47
N GLU A 68 17.67 53.25 -6.08
CA GLU A 68 18.84 52.39 -6.21
C GLU A 68 18.69 51.13 -5.38
N LEU A 69 18.24 51.27 -4.14
CA LEU A 69 18.08 50.09 -3.29
C LEU A 69 16.92 49.23 -3.76
N GLY A 70 15.93 49.81 -4.43
CA GLY A 70 14.90 49.00 -5.07
C GLY A 70 15.45 48.17 -6.20
N ALA A 71 16.38 48.75 -6.98
CA ALA A 71 17.06 47.96 -8.01
C ALA A 71 17.86 46.82 -7.40
N VAL A 72 18.53 47.10 -6.27
CA VAL A 72 19.25 46.05 -5.55
C VAL A 72 18.29 44.96 -5.10
N MET A 73 17.13 45.33 -4.59
CA MET A 73 16.12 44.36 -4.18
C MET A 73 15.67 43.52 -5.37
N LEU A 74 15.48 44.14 -6.52
CA LEU A 74 15.06 43.41 -7.71
C LEU A 74 16.11 42.36 -8.11
N GLY A 75 17.38 42.76 -8.09
CA GLY A 75 18.44 41.79 -8.36
C GLY A 75 18.46 40.65 -7.37
N VAL A 76 18.25 40.97 -6.08
CA VAL A 76 18.24 39.92 -5.05
C VAL A 76 17.09 38.96 -5.28
N THR A 77 15.92 39.47 -5.69
CA THR A 77 14.79 38.59 -5.98
C THR A 77 15.07 37.67 -7.16
N ALA A 78 15.71 38.21 -8.20
CA ALA A 78 16.09 37.35 -9.33
C ALA A 78 17.05 36.25 -8.90
N LEU A 79 18.05 36.59 -8.09
CA LEU A 79 18.96 35.57 -7.58
C LEU A 79 18.22 34.53 -6.76
N GLN A 80 17.26 34.98 -5.93
CA GLN A 80 16.50 34.07 -5.09
C GLN A 80 15.72 33.06 -5.92
N VAL A 81 15.04 33.54 -6.97
CA VAL A 81 14.22 32.63 -7.76
C VAL A 81 15.09 31.66 -8.54
N VAL A 82 16.24 32.12 -9.05
CA VAL A 82 17.14 31.23 -9.76
C VAL A 82 17.62 30.11 -8.84
N CYS A 83 18.05 30.48 -7.62
CA CYS A 83 18.55 29.47 -6.70
C CYS A 83 17.45 28.51 -6.25
N ALA A 84 16.23 29.01 -6.04
CA ALA A 84 15.13 28.12 -5.65
C ALA A 84 14.81 27.11 -6.75
N VAL A 85 14.81 27.57 -8.01
CA VAL A 85 14.54 26.66 -9.12
C VAL A 85 15.62 25.58 -9.21
N GLY A 86 16.89 26.00 -9.11
CA GLY A 86 17.96 25.01 -9.13
C GLY A 86 17.85 24.02 -7.99
N ALA A 87 17.49 24.50 -6.80
CA ALA A 87 17.37 23.62 -5.65
C ALA A 87 16.28 22.59 -5.86
N VAL A 88 15.11 23.01 -6.34
CA VAL A 88 14.03 22.04 -6.52
C VAL A 88 14.38 21.02 -7.60
N PHE A 89 15.05 21.47 -8.68
CA PHE A 89 15.44 20.54 -9.73
C PHE A 89 16.40 19.47 -9.20
N PHE A 90 17.49 19.90 -8.54
CA PHE A 90 18.46 18.93 -8.08
C PHE A 90 17.93 18.06 -6.94
N GLY A 91 17.05 18.61 -6.10
CA GLY A 91 16.43 17.80 -5.07
C GLY A 91 15.52 16.72 -5.65
N ALA A 92 14.75 17.07 -6.68
CA ALA A 92 13.94 16.06 -7.35
C ALA A 92 14.81 14.97 -7.96
N ARG A 93 15.91 15.37 -8.61
CA ARG A 93 16.83 14.38 -9.17
C ARG A 93 17.32 13.42 -8.10
N ALA A 94 17.82 13.97 -6.99
CA ALA A 94 18.40 13.13 -5.94
C ALA A 94 17.37 12.20 -5.31
N ALA A 95 16.17 12.73 -5.00
CA ALA A 95 15.16 11.91 -4.34
C ALA A 95 14.67 10.80 -5.25
N THR A 96 14.39 11.11 -6.52
CA THR A 96 13.91 10.06 -7.42
C THR A 96 14.99 9.02 -7.69
N GLY A 97 16.25 9.46 -7.80
CA GLY A 97 17.32 8.49 -7.96
C GLY A 97 17.46 7.57 -6.75
N PHE A 98 17.34 8.14 -5.55
CA PHE A 98 17.40 7.33 -4.34
C PHE A 98 16.29 6.30 -4.31
N GLY A 99 15.06 6.72 -4.64
CA GLY A 99 13.95 5.78 -4.64
C GLY A 99 14.12 4.68 -5.68
N HIS A 100 14.56 5.05 -6.88
CA HIS A 100 14.81 4.07 -7.93
C HIS A 100 15.86 3.05 -7.50
N ASP A 101 16.96 3.52 -6.93
CA ASP A 101 18.03 2.62 -6.52
C ASP A 101 17.59 1.72 -5.38
N LEU A 102 16.82 2.25 -4.42
CA LEU A 102 16.36 1.42 -3.31
C LEU A 102 15.38 0.35 -3.79
N ARG A 103 14.47 0.71 -4.69
CA ARG A 103 13.58 -0.29 -5.27
C ARG A 103 14.36 -1.38 -5.99
N ALA A 104 15.36 -0.98 -6.77
CA ALA A 104 16.16 -1.97 -7.50
C ALA A 104 16.89 -2.90 -6.54
N ALA A 105 17.47 -2.35 -5.47
CA ALA A 105 18.18 -3.17 -4.51
C ALA A 105 17.26 -4.16 -3.81
N VAL A 106 16.07 -3.70 -3.40
CA VAL A 106 15.13 -4.58 -2.71
C VAL A 106 14.69 -5.70 -3.65
N PHE A 107 14.34 -5.36 -4.89
CA PHE A 107 13.90 -6.38 -5.83
C PHE A 107 15.01 -7.39 -6.11
N THR A 108 16.24 -6.91 -6.30
CA THR A 108 17.34 -7.80 -6.61
C THR A 108 17.63 -8.75 -5.45
N HIS A 109 17.57 -8.24 -4.21
CA HIS A 109 17.79 -9.13 -3.08
C HIS A 109 16.66 -10.13 -2.93
N VAL A 110 15.41 -9.71 -3.14
CA VAL A 110 14.28 -10.63 -2.98
C VAL A 110 14.33 -11.73 -4.03
N THR A 111 14.75 -11.39 -5.26
CA THR A 111 14.78 -12.40 -6.32
C THR A 111 15.86 -13.46 -6.11
N THR A 112 16.75 -13.28 -5.15
CA THR A 112 17.73 -14.30 -4.79
C THR A 112 17.23 -15.22 -3.69
N PHE A 113 16.05 -14.96 -3.13
CA PHE A 113 15.54 -15.77 -2.03
C PHE A 113 15.20 -17.17 -2.50
N SER A 114 15.34 -18.12 -1.59
CA SER A 114 14.84 -19.48 -1.81
C SER A 114 13.36 -19.51 -1.43
N ALA A 115 12.76 -20.70 -1.43
CA ALA A 115 11.37 -20.83 -1.02
C ALA A 115 11.19 -20.49 0.45
N GLU A 116 12.12 -20.92 1.31
CA GLU A 116 11.97 -20.71 2.74
C GLU A 116 12.10 -19.22 3.09
N GLU A 117 13.13 -18.56 2.56
CA GLU A 117 13.32 -17.14 2.85
C GLU A 117 12.17 -16.30 2.30
N ALA A 118 11.69 -16.63 1.10
CA ALA A 118 10.58 -15.89 0.53
C ALA A 118 9.30 -16.11 1.32
N GLY A 119 9.07 -17.34 1.79
CA GLY A 119 7.91 -17.62 2.61
C GLY A 119 7.98 -17.01 3.99
N ARG A 120 9.18 -16.72 4.48
CA ARG A 120 9.30 -16.02 5.76
C ARG A 120 8.66 -14.64 5.73
N PHE A 121 8.48 -14.05 4.53
CA PHE A 121 7.87 -12.74 4.38
C PHE A 121 6.52 -12.78 3.68
N GLY A 122 6.40 -13.55 2.61
CA GLY A 122 5.17 -13.56 1.83
C GLY A 122 5.21 -12.58 0.68
N ALA A 123 4.52 -12.94 -0.40
CA ALA A 123 4.56 -12.13 -1.62
C ALA A 123 3.95 -10.75 -1.38
N ALA A 124 2.84 -10.68 -0.65
CA ALA A 124 2.18 -9.40 -0.41
C ALA A 124 3.08 -8.46 0.38
N SER A 125 3.72 -8.97 1.44
CA SER A 125 4.61 -8.14 2.24
C SER A 125 5.82 -7.69 1.42
N LEU A 126 6.36 -8.59 0.60
CA LEU A 126 7.50 -8.22 -0.24
C LEU A 126 7.13 -7.14 -1.23
N LEU A 127 5.95 -7.24 -1.85
CA LEU A 127 5.51 -6.21 -2.77
C LEU A 127 5.33 -4.87 -2.06
N THR A 128 4.68 -4.90 -0.89
CA THR A 128 4.44 -3.65 -0.17
C THR A 128 5.75 -2.99 0.25
N ARG A 129 6.71 -3.76 0.73
CA ARG A 129 7.96 -3.16 1.16
C ARG A 129 8.97 -3.03 0.02
N THR A 130 8.61 -3.43 -1.20
CA THR A 130 9.37 -3.05 -2.38
C THR A 130 8.86 -1.77 -3.01
N THR A 131 7.58 -1.43 -2.80
CA THR A 131 7.03 -0.22 -3.41
C THR A 131 6.75 0.88 -2.40
N ASN A 132 5.88 0.63 -1.42
CA ASN A 132 5.37 1.71 -0.59
C ASN A 132 6.36 2.12 0.51
N ASP A 133 7.09 1.16 1.08
CA ASP A 133 8.10 1.52 2.07
C ASP A 133 9.22 2.33 1.44
N VAL A 134 9.65 1.93 0.24
CA VAL A 134 10.64 2.71 -0.49
C VAL A 134 10.09 4.08 -0.82
N GLY A 135 8.81 4.16 -1.20
CA GLY A 135 8.21 5.46 -1.46
C GLY A 135 8.18 6.34 -0.23
N HIS A 136 7.93 5.77 0.94
CA HIS A 136 7.93 6.53 2.17
C HIS A 136 9.32 7.09 2.50
N ILE A 137 10.35 6.25 2.36
CA ILE A 137 11.70 6.75 2.63
C ILE A 137 12.12 7.80 1.59
N GLN A 138 11.72 7.60 0.34
CA GLN A 138 12.00 8.59 -0.69
C GLN A 138 11.28 9.90 -0.41
N GLN A 139 10.05 9.83 0.10
CA GLN A 139 9.32 11.03 0.48
C GLN A 139 10.01 11.74 1.64
N LEU A 140 10.56 10.98 2.59
CA LEU A 140 11.34 11.57 3.66
C LEU A 140 12.54 12.33 3.09
N VAL A 141 13.27 11.71 2.17
CA VAL A 141 14.43 12.37 1.56
C VAL A 141 14.00 13.63 0.82
N GLN A 142 12.92 13.55 0.04
CA GLN A 142 12.46 14.69 -0.74
C GLN A 142 12.03 15.84 0.15
N LEU A 143 11.29 15.55 1.22
CA LEU A 143 10.82 16.63 2.09
C LEU A 143 11.94 17.19 2.94
N THR A 144 12.94 16.36 3.28
CA THR A 144 14.12 16.89 3.96
C THR A 144 14.87 17.85 3.06
N VAL A 145 15.05 17.48 1.79
CA VAL A 145 15.73 18.36 0.84
C VAL A 145 14.95 19.64 0.63
N THR A 146 13.62 19.55 0.52
CA THR A 146 12.82 20.68 0.10
C THR A 146 12.53 21.65 1.24
N MET A 147 12.02 21.14 2.37
CA MET A 147 11.48 22.01 3.41
C MET A 147 12.14 21.86 4.77
N LEU A 148 12.63 20.68 5.13
CA LEU A 148 13.11 20.48 6.49
C LEU A 148 14.42 21.22 6.74
N ILE A 149 15.30 21.29 5.74
CA ILE A 149 16.57 21.96 5.92
C ILE A 149 16.42 23.48 5.95
N THR A 150 15.27 24.00 5.51
CA THR A 150 15.08 25.45 5.51
C THR A 150 15.11 26.02 6.92
N ALA A 151 14.48 25.33 7.87
CA ALA A 151 14.38 25.85 9.23
C ALA A 151 15.74 26.06 9.90
N PRO A 152 16.68 25.11 9.91
CA PRO A 152 17.99 25.41 10.47
C PRO A 152 18.73 26.49 9.71
N ILE A 153 18.67 26.45 8.38
CA ILE A 153 19.34 27.47 7.56
C ILE A 153 18.73 28.83 7.84
N MET A 154 17.40 28.91 7.90
CA MET A 154 16.76 30.19 8.17
C MET A 154 17.12 30.70 9.56
N SER A 155 17.15 29.81 10.56
CA SER A 155 17.49 30.23 11.92
C SER A 155 18.91 30.79 11.99
N ILE A 156 19.88 30.05 11.46
CA ILE A 156 21.27 30.50 11.54
C ILE A 156 21.48 31.77 10.70
N GLY A 157 20.91 31.80 9.50
CA GLY A 157 21.05 32.98 8.67
C GLY A 157 20.37 34.20 9.26
N GLY A 158 19.24 34.01 9.92
CA GLY A 158 18.57 35.11 10.59
C GLY A 158 19.35 35.61 11.78
N ILE A 159 19.97 34.71 12.54
CA ILE A 159 20.82 35.13 13.64
C ILE A 159 21.98 35.97 13.12
N PHE A 160 22.61 35.52 12.03
CA PHE A 160 23.74 36.27 11.48
C PHE A 160 23.28 37.59 10.87
N MET A 161 22.11 37.61 10.24
CA MET A 161 21.56 38.85 9.70
C MET A 161 21.24 39.84 10.81
N ALA A 162 20.72 39.35 11.93
CA ALA A 162 20.46 40.21 13.08
C ALA A 162 21.76 40.76 13.66
N LEU A 163 22.81 39.93 13.70
CA LEU A 163 24.11 40.42 14.14
C LEU A 163 24.62 41.50 13.21
N HIS A 164 24.45 41.32 11.90
CA HIS A 164 24.90 42.31 10.93
C HIS A 164 24.10 43.61 11.04
N GLN A 165 22.79 43.50 11.24
CA GLN A 165 21.94 44.69 11.30
C GLN A 165 22.20 45.48 12.58
N ASP A 166 21.96 44.86 13.73
CA ASP A 166 22.18 45.53 15.02
C ASP A 166 22.65 44.46 16.01
N ALA A 167 23.95 44.43 16.28
CA ALA A 167 24.50 43.46 17.21
C ALA A 167 23.98 43.67 18.63
N GLY A 168 23.57 44.88 18.97
CA GLY A 168 23.05 45.15 20.31
C GLY A 168 21.65 44.62 20.55
N LEU A 169 20.95 44.18 19.51
CA LEU A 169 19.62 43.63 19.64
C LEU A 169 19.51 42.19 19.14
N SER A 170 20.62 41.62 18.64
CA SER A 170 20.59 40.23 18.18
C SER A 170 20.44 39.24 19.33
N TRP A 171 20.69 39.68 20.57
CA TRP A 171 20.45 38.82 21.72
C TRP A 171 18.99 38.39 21.79
N LEU A 172 18.08 39.21 21.27
CA LEU A 172 16.67 38.83 21.28
C LEU A 172 16.45 37.59 20.43
N LEU A 173 17.04 37.52 19.24
CA LEU A 173 16.98 36.29 18.46
C LEU A 173 17.74 35.16 19.14
N LEU A 174 18.91 35.46 19.71
CA LEU A 174 19.70 34.44 20.38
C LEU A 174 18.97 33.84 21.58
N VAL A 175 17.96 34.51 22.10
CA VAL A 175 17.12 33.97 23.16
C VAL A 175 15.86 33.33 22.61
N SER A 176 15.26 33.92 21.56
CA SER A 176 13.97 33.46 21.06
C SER A 176 14.10 32.16 20.30
N VAL A 177 15.16 32.00 19.49
CA VAL A 177 15.33 30.77 18.72
C VAL A 177 15.51 29.55 19.62
N PRO A 178 16.40 29.55 20.63
CA PRO A 178 16.49 28.37 21.49
C PRO A 178 15.24 28.10 22.29
N VAL A 179 14.47 29.12 22.66
CA VAL A 179 13.24 28.90 23.43
C VAL A 179 12.24 28.12 22.59
N LEU A 180 12.02 28.56 21.35
CA LEU A 180 11.12 27.84 20.45
C LEU A 180 11.67 26.45 20.13
N GLY A 181 12.99 26.34 19.97
CA GLY A 181 13.58 25.02 19.74
C GLY A 181 13.34 24.08 20.90
N LEU A 182 13.47 24.56 22.13
CA LEU A 182 13.24 23.72 23.30
C LEU A 182 11.77 23.32 23.40
N ALA A 183 10.85 24.25 23.17
CA ALA A 183 9.43 23.92 23.24
C ALA A 183 9.08 22.88 22.18
N ASN A 184 9.58 23.08 20.95
CA ASN A 184 9.30 22.12 19.89
C ASN A 184 9.94 20.79 20.17
N TYR A 185 11.14 20.77 20.77
CA TYR A 185 11.78 19.51 21.12
C TYR A 185 10.98 18.75 22.16
N TRP A 186 10.44 19.47 23.15
CA TRP A 186 9.59 18.81 24.15
C TRP A 186 8.35 18.22 23.50
N ILE A 187 7.71 18.97 22.60
CA ILE A 187 6.53 18.46 21.92
C ILE A 187 6.88 17.23 21.08
N ILE A 188 8.00 17.28 20.35
CA ILE A 188 8.41 16.18 19.50
C ILE A 188 8.76 14.95 20.34
N ARG A 189 9.40 15.15 21.48
CA ARG A 189 9.72 14.05 22.36
C ARG A 189 8.46 13.37 22.86
N HIS A 190 7.42 14.16 23.18
CA HIS A 190 6.17 13.55 23.60
C HIS A 190 5.36 12.99 22.45
N LEU A 191 5.62 13.42 21.21
CA LEU A 191 4.81 13.06 20.06
C LEU A 191 5.34 11.87 19.27
N MET A 192 6.66 11.67 19.23
CA MET A 192 7.22 10.59 18.41
C MET A 192 6.74 9.20 18.82
N PRO A 193 6.75 8.81 20.10
CA PRO A 193 6.20 7.49 20.45
C PRO A 193 4.75 7.32 20.07
N VAL A 194 3.94 8.38 20.17
CA VAL A 194 2.55 8.30 19.74
C VAL A 194 2.48 8.01 18.25
N PHE A 195 3.34 8.65 17.46
CA PHE A 195 3.37 8.40 16.02
C PHE A 195 3.79 6.97 15.71
N THR A 196 4.77 6.44 16.45
CA THR A 196 5.18 5.05 16.22
C THR A 196 4.06 4.09 16.56
N ARG A 197 3.34 4.34 17.65
CA ARG A 197 2.19 3.50 17.99
C ARG A 197 1.11 3.59 16.91
N MET A 198 0.89 4.80 16.38
CA MET A 198 -0.08 4.97 15.30
C MET A 198 0.33 4.17 14.06
N GLN A 199 1.63 4.17 13.74
CA GLN A 199 2.10 3.39 12.59
C GLN A 199 1.93 1.89 12.83
N SER A 200 2.18 1.44 14.07
CA SER A 200 1.97 0.04 14.39
C SER A 200 0.51 -0.35 14.21
N LEU A 201 -0.41 0.50 14.67
CA LEU A 201 -1.83 0.22 14.51
C LEU A 201 -2.26 0.28 13.05
N ILE A 202 -1.65 1.16 12.26
CA ILE A 202 -1.92 1.20 10.82
C ILE A 202 -1.49 -0.12 10.18
N ASP A 203 -0.31 -0.63 10.56
CA ASP A 203 0.13 -1.92 10.05
C ASP A 203 -0.84 -3.03 10.45
N GLY A 204 -1.35 -2.99 11.69
CA GLY A 204 -2.30 -3.99 12.11
C GLY A 204 -3.60 -3.97 11.33
N ILE A 205 -4.13 -2.77 11.11
CA ILE A 205 -5.39 -2.64 10.37
C ILE A 205 -5.18 -3.05 8.91
N ASN A 206 -3.99 -2.76 8.35
CA ASN A 206 -3.69 -3.18 6.99
C ASN A 206 -3.59 -4.69 6.90
N ARG A 207 -3.00 -5.33 7.92
CA ARG A 207 -2.96 -6.79 7.95
C ARG A 207 -4.35 -7.38 8.01
N VAL A 208 -5.23 -6.78 8.81
CA VAL A 208 -6.61 -7.26 8.89
C VAL A 208 -7.29 -7.15 7.52
N LEU A 209 -7.11 -6.01 6.84
CA LEU A 209 -7.73 -5.83 5.53
C LEU A 209 -7.15 -6.81 4.50
N ARG A 210 -5.85 -7.04 4.54
CA ARG A 210 -5.23 -7.98 3.62
C ARG A 210 -5.77 -9.39 3.84
N ASP A 211 -5.90 -9.80 5.10
CA ASP A 211 -6.47 -11.11 5.41
C ASP A 211 -7.90 -11.21 4.91
N GLN A 212 -8.69 -10.15 5.09
CA GLN A 212 -10.07 -10.17 4.63
C GLN A 212 -10.16 -10.27 3.11
N LEU A 213 -9.30 -9.54 2.40
CA LEU A 213 -9.38 -9.54 0.94
C LEU A 213 -8.86 -10.84 0.35
N SER A 214 -7.80 -11.39 0.93
CA SER A 214 -7.22 -12.62 0.39
C SER A 214 -8.17 -13.80 0.52
N GLY A 215 -8.87 -13.90 1.65
CA GLY A 215 -9.79 -15.01 1.87
C GLY A 215 -11.24 -14.60 1.83
N ILE A 216 -11.61 -13.77 0.85
CA ILE A 216 -12.97 -13.26 0.77
C ILE A 216 -13.96 -14.39 0.48
N ARG A 217 -13.55 -15.36 -0.33
CA ARG A 217 -14.43 -16.48 -0.63
C ARG A 217 -14.66 -17.35 0.60
N VAL A 218 -13.61 -17.59 1.39
CA VAL A 218 -13.76 -18.35 2.63
C VAL A 218 -14.57 -17.55 3.65
N ILE A 219 -14.40 -16.23 3.66
CA ILE A 219 -15.18 -15.38 4.56
C ILE A 219 -16.66 -15.50 4.24
N ARG A 220 -17.02 -15.40 2.95
CA ARG A 220 -18.42 -15.50 2.57
C ARG A 220 -18.94 -16.92 2.73
N ALA A 221 -18.09 -17.93 2.56
CA ALA A 221 -18.54 -19.31 2.72
C ALA A 221 -18.95 -19.60 4.15
N PHE A 222 -18.20 -19.13 5.12
CA PHE A 222 -18.50 -19.36 6.53
C PHE A 222 -19.32 -18.24 7.15
N ALA A 223 -19.72 -17.25 6.36
CA ALA A 223 -20.51 -16.12 6.84
C ALA A 223 -19.82 -15.42 8.01
N ARG A 224 -18.54 -15.13 7.84
CA ARG A 224 -17.73 -14.46 8.85
C ARG A 224 -17.78 -12.95 8.73
N GLU A 225 -18.77 -12.40 8.06
CA GLU A 225 -18.85 -10.94 7.91
C GLU A 225 -18.99 -10.21 9.24
N PRO A 226 -19.88 -10.60 10.16
CA PRO A 226 -19.96 -9.86 11.44
C PRO A 226 -18.67 -9.89 12.24
N LEU A 227 -17.96 -11.02 12.25
CA LEU A 227 -16.73 -11.11 13.03
C LEU A 227 -15.65 -10.20 12.45
N GLU A 228 -15.50 -10.21 11.12
CA GLU A 228 -14.53 -9.34 10.48
C GLU A 228 -14.89 -7.88 10.68
N ARG A 229 -16.20 -7.56 10.62
CA ARG A 229 -16.65 -6.20 10.83
C ARG A 229 -16.33 -5.72 12.24
N VAL A 230 -16.57 -6.57 13.24
CA VAL A 230 -16.27 -6.20 14.62
C VAL A 230 -14.76 -6.05 14.81
N ARG A 231 -13.97 -6.96 14.26
CA ARG A 231 -12.51 -6.86 14.38
C ARG A 231 -12.02 -5.55 13.77
N PHE A 232 -12.52 -5.22 12.57
CA PHE A 232 -12.10 -3.99 11.93
C PHE A 232 -12.55 -2.77 12.72
N ALA A 233 -13.74 -2.83 13.32
CA ALA A 233 -14.23 -1.69 14.09
C ALA A 233 -13.35 -1.42 15.30
N GLU A 234 -12.98 -2.48 16.03
CA GLU A 234 -12.08 -2.29 17.17
C GLU A 234 -10.70 -1.80 16.74
N ALA A 235 -10.14 -2.37 15.68
CA ALA A 235 -8.84 -1.89 15.21
C ALA A 235 -8.91 -0.44 14.76
N ASN A 236 -10.00 -0.07 14.07
CA ASN A 236 -10.20 1.30 13.62
C ASN A 236 -10.31 2.26 14.79
N GLN A 237 -11.05 1.87 15.83
CA GLN A 237 -11.20 2.74 16.99
C GLN A 237 -9.87 2.93 17.71
N THR A 238 -9.09 1.86 17.86
CA THR A 238 -7.78 1.99 18.51
C THR A 238 -6.86 2.90 17.72
N LEU A 239 -6.81 2.71 16.40
CA LEU A 239 -5.98 3.56 15.55
C LEU A 239 -6.44 5.02 15.63
N SER A 240 -7.76 5.25 15.66
CA SER A 240 -8.28 6.60 15.78
C SER A 240 -7.90 7.23 17.11
N ASP A 241 -7.91 6.45 18.19
CA ASP A 241 -7.50 6.98 19.48
C ASP A 241 -6.03 7.41 19.45
N SER A 242 -5.17 6.57 18.86
CA SER A 242 -3.76 6.94 18.78
C SER A 242 -3.56 8.16 17.89
N ALA A 243 -4.28 8.24 16.78
CA ALA A 243 -4.17 9.40 15.90
C ALA A 243 -4.68 10.66 16.58
N LEU A 244 -5.72 10.53 17.42
CA LEU A 244 -6.22 11.67 18.17
C LEU A 244 -5.19 12.16 19.18
N GLU A 245 -4.50 11.24 19.84
CA GLU A 245 -3.42 11.65 20.75
C GLU A 245 -2.30 12.35 20.00
N ALA A 246 -1.93 11.81 18.83
CA ALA A 246 -0.91 12.46 18.02
C ALA A 246 -1.34 13.84 17.58
N GLY A 247 -2.61 14.00 17.19
CA GLY A 247 -3.11 15.31 16.83
C GLY A 247 -3.17 16.27 18.01
N ARG A 248 -3.46 15.75 19.21
CA ARG A 248 -3.43 16.58 20.41
C ARG A 248 -2.04 17.14 20.63
N TRP A 249 -1.02 16.32 20.45
CA TRP A 249 0.34 16.81 20.61
C TRP A 249 0.77 17.71 19.45
N GLN A 250 0.25 17.46 18.26
CA GLN A 250 0.64 18.26 17.09
C GLN A 250 -0.04 19.62 17.08
N ALA A 251 -1.20 19.74 17.71
CA ALA A 251 -1.93 21.01 17.73
C ALA A 251 -1.24 22.07 18.57
N LEU A 252 -0.21 21.72 19.33
CA LEU A 252 0.54 22.69 20.12
C LEU A 252 1.66 23.37 19.35
N MET A 253 2.02 22.85 18.17
CA MET A 253 3.23 23.33 17.51
C MET A 253 3.01 24.70 16.87
N LEU A 254 1.87 24.89 16.20
CA LEU A 254 1.60 26.20 15.60
C LEU A 254 1.37 27.28 16.65
N PRO A 255 0.51 27.10 17.66
CA PRO A 255 0.31 28.18 18.64
C PRO A 255 1.58 28.58 19.36
N VAL A 256 2.43 27.61 19.72
CA VAL A 256 3.66 27.95 20.44
C VAL A 256 4.62 28.73 19.54
N THR A 257 4.76 28.30 18.28
CA THR A 257 5.64 29.01 17.36
C THR A 257 5.15 30.43 17.10
N THR A 258 3.85 30.59 16.88
CA THR A 258 3.30 31.92 16.63
C THR A 258 3.40 32.79 17.88
N LEU A 259 3.18 32.20 19.06
CA LEU A 259 3.32 32.96 20.30
C LEU A 259 4.74 33.44 20.50
N VAL A 260 5.73 32.59 20.18
CA VAL A 260 7.12 33.03 20.23
C VAL A 260 7.37 34.15 19.24
N ILE A 261 6.83 34.02 18.02
CA ILE A 261 6.95 35.08 17.01
C ILE A 261 6.47 36.40 17.58
N ASN A 262 5.29 36.38 18.18
CA ASN A 262 4.61 37.61 18.57
C ASN A 262 5.23 38.23 19.82
N VAL A 263 5.57 37.40 20.81
CA VAL A 263 6.26 37.92 22.00
C VAL A 263 7.62 38.49 21.62
N SER A 264 8.34 37.81 20.71
CA SER A 264 9.60 38.34 20.25
C SER A 264 9.42 39.65 19.51
N SER A 265 8.35 39.78 18.72
CA SER A 265 8.09 41.03 18.01
C SER A 265 7.81 42.17 18.99
N VAL A 266 7.00 41.91 20.01
CA VAL A 266 6.67 42.94 20.99
C VAL A 266 7.93 43.34 21.77
N ALA A 267 8.71 42.36 22.21
CA ALA A 267 9.96 42.68 22.91
C ALA A 267 10.93 43.41 22.00
N LEU A 268 10.94 43.07 20.71
CA LEU A 268 11.77 43.79 19.75
C LEU A 268 11.37 45.24 19.66
N ILE A 269 10.08 45.52 19.56
CA ILE A 269 9.65 46.91 19.50
C ILE A 269 10.05 47.64 20.78
N TRP A 270 9.84 47.01 21.94
CA TRP A 270 10.15 47.68 23.20
C TRP A 270 11.64 47.98 23.33
N PHE A 271 12.49 46.97 23.16
CA PHE A 271 13.91 47.16 23.39
C PHE A 271 14.57 47.95 22.25
N GLY A 272 14.10 47.77 21.03
CA GLY A 272 14.57 48.60 19.94
C GLY A 272 14.19 50.06 20.10
N GLY A 273 13.00 50.32 20.66
CA GLY A 273 12.64 51.69 20.98
C GLY A 273 13.52 52.27 22.08
N LEU A 274 13.85 51.44 23.08
CA LEU A 274 14.77 51.89 24.12
C LEU A 274 16.13 52.24 23.52
N ARG A 275 16.60 51.44 22.57
CA ARG A 275 17.89 51.71 21.93
C ARG A 275 17.81 52.87 20.94
N ILE A 276 16.65 53.10 20.34
CA ILE A 276 16.48 54.17 19.35
C ILE A 276 16.32 55.52 20.05
N ASP A 277 15.75 55.53 21.27
CA ASP A 277 15.72 56.75 22.05
C ASP A 277 17.12 57.30 22.26
N ALA A 278 18.09 56.40 22.48
CA ALA A 278 19.49 56.77 22.44
C ALA A 278 20.02 56.67 21.01
N GLY A 279 21.25 57.13 20.81
CA GLY A 279 21.85 57.07 19.49
C GLY A 279 22.49 55.73 19.19
N GLN A 280 21.76 54.64 19.43
CA GLN A 280 22.31 53.31 19.30
C GLN A 280 21.67 52.47 18.22
N MET A 281 20.52 52.88 17.67
CA MET A 281 19.82 52.06 16.70
C MET A 281 19.01 52.96 15.77
N GLN A 282 18.73 52.44 14.58
CA GLN A 282 17.94 53.13 13.58
C GLN A 282 16.57 52.47 13.46
N VAL A 283 15.62 53.21 12.89
CA VAL A 283 14.23 52.77 12.89
C VAL A 283 14.04 51.58 11.95
N GLY A 284 14.72 51.58 10.80
CA GLY A 284 14.55 50.50 9.83
C GLY A 284 14.99 49.15 10.34
N SER A 285 15.85 49.12 11.35
CA SER A 285 16.24 47.85 11.95
C SER A 285 15.04 47.14 12.56
N LEU A 286 14.03 47.90 13.00
CA LEU A 286 12.81 47.27 13.50
C LEU A 286 12.11 46.50 12.40
N ILE A 287 11.99 47.09 11.21
CA ILE A 287 11.40 46.40 10.07
C ILE A 287 12.21 45.16 9.72
N ALA A 288 13.54 45.31 9.69
CA ALA A 288 14.41 44.19 9.36
C ALA A 288 14.21 43.04 10.35
N PHE A 289 14.18 43.35 11.65
CA PHE A 289 14.06 42.31 12.66
C PHE A 289 12.68 41.67 12.66
N LEU A 290 11.63 42.46 12.42
CA LEU A 290 10.30 41.89 12.30
C LEU A 290 10.24 40.89 11.17
N ALA A 291 10.83 41.24 10.02
CA ALA A 291 10.87 40.28 8.92
C ALA A 291 11.73 39.08 9.23
N TYR A 292 12.82 39.27 9.98
CA TYR A 292 13.66 38.14 10.38
C TYR A 292 12.86 37.14 11.22
N PHE A 293 12.11 37.64 12.20
CA PHE A 293 11.26 36.75 13.00
C PHE A 293 10.23 36.05 12.12
N MET A 294 9.51 36.84 11.31
CA MET A 294 8.44 36.31 10.48
C MET A 294 8.94 35.30 9.46
N GLN A 295 10.22 35.33 9.12
CA GLN A 295 10.78 34.34 8.20
C GLN A 295 11.32 33.13 8.93
N ILE A 296 12.12 33.34 9.98
CA ILE A 296 12.74 32.23 10.69
C ILE A 296 11.68 31.31 11.25
N LEU A 297 10.73 31.86 12.01
CA LEU A 297 9.82 30.96 12.68
C LEU A 297 8.70 30.48 11.76
N MET A 298 8.43 31.18 10.66
CA MET A 298 7.55 30.61 9.64
C MET A 298 8.19 29.41 8.97
N ALA A 299 9.50 29.47 8.70
CA ALA A 299 10.21 28.31 8.17
C ALA A 299 10.18 27.16 9.16
N VAL A 300 10.36 27.47 10.45
CA VAL A 300 10.27 26.44 11.48
C VAL A 300 8.86 25.81 11.49
N LEU A 301 7.83 26.65 11.37
CA LEU A 301 6.47 26.15 11.35
C LEU A 301 6.23 25.25 10.13
N MET A 302 6.77 25.63 8.97
CA MET A 302 6.65 24.80 7.78
C MET A 302 7.33 23.46 7.98
N ALA A 303 8.54 23.47 8.54
CA ALA A 303 9.26 22.21 8.73
C ALA A 303 8.65 21.34 9.81
N THR A 304 7.90 21.92 10.75
CA THR A 304 7.38 21.13 11.86
C THR A 304 6.09 20.40 11.51
N PHE A 305 5.44 20.77 10.40
CA PHE A 305 4.14 20.19 10.09
C PHE A 305 4.26 18.80 9.50
N MET A 306 5.32 18.52 8.77
CA MET A 306 5.49 17.24 8.09
C MET A 306 6.34 16.27 8.89
N LEU A 307 6.27 16.32 10.22
CA LEU A 307 7.10 15.48 11.08
C LEU A 307 6.55 14.07 11.24
N VAL A 308 5.35 13.79 10.75
CA VAL A 308 4.81 12.43 10.79
C VAL A 308 5.61 11.50 9.89
N ILE A 309 6.30 12.03 8.87
CA ILE A 309 6.99 11.19 7.91
C ILE A 309 8.23 10.53 8.49
N PHE A 310 8.69 10.97 9.66
CA PHE A 310 9.92 10.39 10.19
C PHE A 310 9.72 9.03 10.84
N PRO A 311 8.81 8.85 11.80
CA PRO A 311 8.60 7.50 12.35
C PRO A 311 8.10 6.51 11.31
N ARG A 312 7.28 6.97 10.37
CA ARG A 312 6.85 6.10 9.27
C ARG A 312 8.04 5.63 8.45
N ALA A 313 8.95 6.55 8.12
CA ALA A 313 10.14 6.17 7.39
C ALA A 313 11.02 5.23 8.22
N ALA A 314 11.06 5.44 9.54
CA ALA A 314 11.87 4.58 10.39
C ALA A 314 11.34 3.15 10.41
N VAL A 315 10.02 2.97 10.54
CA VAL A 315 9.48 1.61 10.55
C VAL A 315 9.58 0.96 9.17
N CYS A 316 9.34 1.75 8.11
CA CYS A 316 9.49 1.22 6.76
C CYS A 316 10.94 0.80 6.50
N ALA A 317 11.89 1.59 7.00
CA ALA A 317 13.30 1.23 6.87
C ALA A 317 13.64 -0.01 7.69
N ASP A 318 13.02 -0.17 8.85
CA ASP A 318 13.21 -1.41 9.61
C ASP A 318 12.76 -2.61 8.79
N ARG A 319 11.60 -2.51 8.14
CA ARG A 319 11.13 -3.62 7.31
C ARG A 319 12.06 -3.86 6.12
N ILE A 320 12.48 -2.80 5.44
CA ILE A 320 13.35 -2.94 4.27
C ILE A 320 14.68 -3.55 4.67
N GLY A 321 15.25 -3.10 5.80
CA GLY A 321 16.50 -3.66 6.26
C GLY A 321 16.36 -5.08 6.78
N GLU A 322 15.18 -5.44 7.29
CA GLU A 322 14.92 -6.83 7.64
C GLU A 322 14.97 -7.71 6.40
N VAL A 323 14.39 -7.24 5.29
CA VAL A 323 14.50 -8.00 4.05
C VAL A 323 15.94 -8.03 3.54
N LEU A 324 16.62 -6.87 3.55
CA LEU A 324 17.95 -6.78 2.99
C LEU A 324 19.02 -7.47 3.83
N SER A 325 18.71 -7.78 5.10
CA SER A 325 19.64 -8.48 5.97
C SER A 325 19.48 -9.99 5.91
N THR A 326 18.53 -10.49 5.12
CA THR A 326 18.32 -11.93 5.00
C THR A 326 19.39 -12.53 4.09
N GLN A 327 20.06 -13.57 4.56
CA GLN A 327 21.08 -14.25 3.79
C GLN A 327 20.50 -15.49 3.11
N THR A 328 20.78 -15.63 1.82
CA THR A 328 20.29 -16.76 1.06
C THR A 328 21.11 -18.00 1.39
N ALA A 329 20.47 -19.17 1.29
CA ALA A 329 21.11 -20.44 1.61
C ALA A 329 21.44 -21.27 0.38
N ILE A 330 20.90 -20.94 -0.79
CA ILE A 330 21.11 -21.70 -2.01
C ILE A 330 21.78 -20.80 -3.03
N THR A 331 23.04 -21.11 -3.36
CA THR A 331 23.83 -20.35 -4.32
C THR A 331 24.72 -21.31 -5.09
N ASN A 332 25.24 -20.82 -6.21
CA ASN A 332 26.25 -21.58 -6.96
C ASN A 332 27.57 -21.49 -6.20
N PRO A 333 28.16 -22.61 -5.76
CA PRO A 333 29.19 -22.55 -4.71
C PRO A 333 30.45 -21.75 -5.07
N ALA A 334 31.23 -22.21 -6.04
CA ALA A 334 32.37 -21.45 -6.51
C ALA A 334 32.47 -21.44 -8.03
N ASP A 335 32.21 -22.59 -8.63
CA ASP A 335 32.38 -22.84 -10.06
C ASP A 335 31.55 -24.04 -10.47
N PRO A 336 30.29 -23.84 -10.83
CA PRO A 336 29.40 -24.98 -11.11
C PRO A 336 29.90 -25.85 -12.25
N VAL A 337 29.74 -27.16 -12.08
CA VAL A 337 29.99 -28.09 -13.17
C VAL A 337 28.87 -27.96 -14.19
N ARG A 338 29.22 -27.93 -15.48
CA ARG A 338 28.25 -27.72 -16.55
C ARG A 338 28.28 -28.90 -17.50
N PRO A 339 27.52 -29.95 -17.22
CA PRO A 339 27.43 -31.08 -18.15
C PRO A 339 26.75 -30.66 -19.45
N ALA A 340 27.11 -31.35 -20.52
CA ALA A 340 26.55 -31.07 -21.84
C ALA A 340 25.21 -31.79 -21.97
N ALA A 341 24.13 -31.02 -22.07
CA ALA A 341 22.78 -31.54 -22.32
C ALA A 341 22.37 -32.55 -21.23
N ILE A 342 22.25 -32.03 -20.01
CA ILE A 342 21.82 -32.83 -18.87
C ILE A 342 20.45 -33.44 -19.16
N ALA A 343 20.41 -34.77 -19.29
CA ALA A 343 19.16 -35.43 -19.66
C ALA A 343 18.98 -36.79 -18.97
N GLY A 344 19.65 -37.03 -17.86
CA GLY A 344 19.73 -38.39 -17.33
C GLY A 344 18.96 -38.68 -16.05
N ASP A 345 19.63 -39.35 -15.13
CA ASP A 345 18.99 -40.01 -14.01
C ASP A 345 19.07 -39.18 -12.73
N ILE A 346 18.36 -39.65 -11.70
CA ILE A 346 18.35 -39.03 -10.38
C ILE A 346 19.00 -39.99 -9.40
N GLY A 347 19.94 -39.48 -8.62
CA GLY A 347 20.69 -40.32 -7.70
C GLY A 347 20.04 -40.54 -6.35
N VAL A 348 19.78 -39.45 -5.62
CA VAL A 348 19.20 -39.49 -4.28
C VAL A 348 19.87 -40.55 -3.42
N HIS A 349 21.06 -40.26 -2.92
CA HIS A 349 21.84 -41.22 -2.14
C HIS A 349 21.83 -40.81 -0.68
N ASP A 350 21.11 -41.58 0.14
CA ASP A 350 21.08 -41.40 1.59
C ASP A 350 20.71 -39.97 1.97
N ALA A 351 19.71 -39.43 1.28
CA ALA A 351 19.30 -38.05 1.49
C ALA A 351 18.53 -37.91 2.79
N THR A 352 18.90 -36.92 3.59
CA THR A 352 18.19 -36.58 4.82
C THR A 352 17.92 -35.08 4.83
N PHE A 353 16.66 -34.71 5.03
CA PHE A 353 16.28 -33.31 5.02
C PHE A 353 15.45 -32.98 6.26
N CYS A 354 15.77 -31.85 6.88
CA CYS A 354 15.00 -31.32 8.00
C CYS A 354 14.68 -29.87 7.71
N TYR A 355 13.42 -29.50 7.83
CA TYR A 355 13.02 -28.12 7.57
C TYR A 355 13.63 -27.20 8.64
N PRO A 356 14.06 -26.00 8.27
CA PRO A 356 14.58 -25.06 9.28
C PRO A 356 13.52 -24.74 10.33
N GLY A 357 13.96 -24.67 11.58
CA GLY A 357 13.06 -24.43 12.69
C GLY A 357 12.28 -25.64 13.17
N ALA A 358 12.53 -26.82 12.60
CA ALA A 358 11.84 -28.04 12.99
C ALA A 358 12.69 -28.85 13.95
N ASP A 359 12.01 -29.63 14.80
CA ASP A 359 12.69 -30.43 15.82
C ASP A 359 13.12 -31.79 15.29
N ARG A 360 12.45 -32.33 14.29
CA ARG A 360 12.74 -33.66 13.76
C ARG A 360 12.87 -33.58 12.25
N PRO A 361 13.70 -34.44 11.65
CA PRO A 361 13.80 -34.47 10.19
C PRO A 361 12.54 -35.04 9.57
N VAL A 362 12.17 -34.50 8.40
CA VAL A 362 11.00 -35.00 7.69
C VAL A 362 11.37 -36.11 6.71
N LEU A 363 12.63 -36.21 6.31
CA LEU A 363 13.11 -37.27 5.45
C LEU A 363 14.37 -37.86 6.06
N GLN A 364 14.43 -39.18 6.16
CA GLN A 364 15.57 -39.85 6.78
C GLN A 364 16.00 -41.03 5.93
N ASP A 365 17.28 -41.04 5.55
CA ASP A 365 17.89 -42.17 4.86
C ASP A 365 17.14 -42.57 3.60
N VAL A 366 16.69 -41.57 2.83
CA VAL A 366 16.01 -41.83 1.58
C VAL A 366 17.06 -42.12 0.52
N SER A 367 16.99 -43.31 -0.08
CA SER A 367 17.97 -43.75 -1.07
C SER A 367 17.27 -44.55 -2.14
N PHE A 368 17.19 -43.99 -3.35
CA PHE A 368 16.61 -44.66 -4.50
C PHE A 368 17.10 -43.95 -5.75
N THR A 369 17.27 -44.72 -6.83
CA THR A 369 17.79 -44.22 -8.09
C THR A 369 16.69 -44.31 -9.15
N VAL A 370 16.48 -43.21 -9.87
CA VAL A 370 15.49 -43.15 -10.95
C VAL A 370 16.27 -43.23 -12.27
N PRO A 371 16.20 -44.35 -13.00
CA PRO A 371 16.94 -44.44 -14.26
C PRO A 371 16.44 -43.45 -15.29
N ARG A 372 17.34 -43.03 -16.18
CA ARG A 372 16.98 -42.08 -17.21
C ARG A 372 15.96 -42.70 -18.17
N GLY A 373 15.02 -41.88 -18.64
CA GLY A 373 14.01 -42.32 -19.57
C GLY A 373 12.92 -43.19 -18.98
N THR A 374 12.88 -43.35 -17.65
CA THR A 374 11.91 -44.19 -16.99
C THR A 374 10.98 -43.33 -16.12
N THR A 375 9.84 -43.91 -15.79
CA THR A 375 8.84 -43.27 -14.94
C THR A 375 8.89 -43.92 -13.57
N THR A 376 9.10 -43.12 -12.53
CA THR A 376 9.14 -43.60 -11.15
C THR A 376 7.99 -42.97 -10.39
N ALA A 377 7.20 -43.82 -9.72
CA ALA A 377 6.04 -43.37 -8.97
C ALA A 377 6.39 -43.30 -7.49
N VAL A 378 6.05 -42.17 -6.86
CA VAL A 378 6.27 -41.96 -5.44
C VAL A 378 4.91 -41.96 -4.75
N VAL A 379 4.71 -42.91 -3.84
CA VAL A 379 3.44 -43.04 -3.13
C VAL A 379 3.70 -42.90 -1.64
N GLY A 380 2.66 -42.51 -0.92
CA GLY A 380 2.77 -42.34 0.51
C GLY A 380 1.52 -41.69 1.06
N SER A 381 1.47 -41.61 2.38
CA SER A 381 0.33 -41.00 3.05
C SER A 381 0.44 -39.48 3.03
N THR A 382 -0.59 -38.82 3.55
CA THR A 382 -0.57 -37.38 3.66
C THR A 382 0.51 -36.95 4.64
N GLY A 383 1.31 -35.95 4.24
CA GLY A 383 2.40 -35.49 5.06
C GLY A 383 3.58 -36.44 5.12
N SER A 384 3.72 -37.34 4.15
CA SER A 384 4.80 -38.31 4.17
C SER A 384 6.13 -37.69 3.76
N GLY A 385 6.11 -36.76 2.81
CA GLY A 385 7.33 -36.12 2.37
C GLY A 385 7.56 -36.21 0.88
N LYS A 386 6.50 -36.50 0.12
CA LYS A 386 6.63 -36.58 -1.34
C LYS A 386 6.92 -35.21 -1.95
N SER A 387 6.17 -34.19 -1.52
CA SER A 387 6.41 -32.84 -2.03
C SER A 387 7.79 -32.34 -1.60
N THR A 388 8.21 -32.67 -0.38
CA THR A 388 9.55 -32.30 0.06
C THR A 388 10.61 -32.96 -0.83
N LEU A 389 10.43 -34.22 -1.17
CA LEU A 389 11.37 -34.91 -2.06
C LEU A 389 11.40 -34.27 -3.44
N ILE A 390 10.22 -33.91 -3.96
CA ILE A 390 10.15 -33.25 -5.26
C ILE A 390 10.89 -31.92 -5.21
N SER A 391 10.70 -31.14 -4.15
CA SER A 391 11.41 -29.87 -4.02
C SER A 391 12.90 -30.08 -3.85
N LEU A 392 13.31 -31.17 -3.21
CA LEU A 392 14.74 -31.47 -3.11
C LEU A 392 15.33 -31.77 -4.48
N ILE A 393 14.58 -32.49 -5.33
CA ILE A 393 15.06 -32.74 -6.69
C ILE A 393 15.23 -31.43 -7.45
N CYS A 394 14.28 -30.51 -7.31
CA CYS A 394 14.39 -29.20 -7.92
C CYS A 394 15.44 -28.32 -7.27
N ARG A 395 16.00 -28.74 -6.13
CA ARG A 395 16.89 -27.92 -5.32
C ARG A 395 16.24 -26.61 -4.90
N LEU A 396 14.92 -26.67 -4.64
CA LEU A 396 14.27 -25.58 -3.93
C LEU A 396 14.65 -25.60 -2.46
N TYR A 397 14.99 -26.77 -1.94
CA TYR A 397 15.55 -26.94 -0.60
C TYR A 397 16.82 -27.75 -0.70
N ASP A 398 17.73 -27.53 0.25
CA ASP A 398 19.02 -28.23 0.27
C ASP A 398 18.98 -29.34 1.31
N VAL A 399 19.46 -30.52 0.92
CA VAL A 399 19.45 -31.66 1.83
C VAL A 399 20.36 -31.38 3.02
N THR A 400 19.86 -31.69 4.22
CA THR A 400 20.67 -31.57 5.42
C THR A 400 21.86 -32.53 5.37
N SER A 401 21.62 -33.76 4.94
CA SER A 401 22.67 -34.77 4.85
C SER A 401 22.49 -35.55 3.55
N GLY A 402 23.55 -36.22 3.13
CA GLY A 402 23.51 -36.97 1.89
C GLY A 402 23.61 -36.07 0.68
N SER A 403 23.08 -36.56 -0.43
CA SER A 403 23.10 -35.83 -1.70
C SER A 403 21.99 -36.36 -2.59
N LEU A 404 21.71 -35.61 -3.65
CA LEU A 404 20.70 -35.98 -4.64
C LEU A 404 21.29 -36.51 -5.94
N ARG A 405 22.38 -35.92 -6.43
CA ARG A 405 23.19 -36.48 -7.50
C ARG A 405 22.38 -36.70 -8.77
N ILE A 406 21.93 -35.60 -9.36
CA ILE A 406 21.32 -35.66 -10.69
C ILE A 406 22.43 -35.80 -11.72
N ASP A 407 22.22 -36.70 -12.70
CA ASP A 407 23.23 -37.04 -13.70
C ASP A 407 24.55 -37.48 -13.06
N GLY A 408 24.48 -37.99 -11.83
CA GLY A 408 25.67 -38.37 -11.11
C GLY A 408 26.44 -37.23 -10.47
N VAL A 409 25.96 -36.00 -10.60
CA VAL A 409 26.61 -34.82 -10.01
C VAL A 409 25.66 -34.20 -9.01
N ASP A 410 26.21 -33.71 -7.91
CA ASP A 410 25.39 -33.11 -6.85
C ASP A 410 24.65 -31.89 -7.38
N VAL A 411 23.40 -31.73 -6.94
CA VAL A 411 22.63 -30.56 -7.33
C VAL A 411 23.25 -29.29 -6.75
N ARG A 412 23.97 -29.41 -5.64
CA ARG A 412 24.68 -28.24 -5.10
C ARG A 412 25.84 -27.84 -6.01
N ASP A 413 26.48 -28.81 -6.66
CA ASP A 413 27.60 -28.52 -7.55
C ASP A 413 27.15 -27.94 -8.89
N LEU A 414 25.85 -27.95 -9.18
CA LEU A 414 25.35 -27.35 -10.39
C LEU A 414 24.95 -25.90 -10.14
N ASP A 415 24.94 -25.12 -11.23
CA ASP A 415 24.29 -23.82 -11.20
C ASP A 415 22.81 -24.01 -11.44
N ILE A 416 21.98 -23.36 -10.63
CA ILE A 416 20.55 -23.55 -10.81
C ILE A 416 20.02 -22.56 -11.86
N GLU A 417 20.38 -22.82 -13.10
CA GLU A 417 19.66 -22.43 -14.30
C GLU A 417 19.56 -23.58 -15.29
N GLN A 418 20.63 -24.36 -15.43
CA GLN A 418 20.59 -25.51 -16.33
C GLN A 418 19.80 -26.65 -15.72
N LEU A 419 19.91 -26.83 -14.40
CA LEU A 419 19.10 -27.82 -13.71
C LEU A 419 17.62 -27.53 -13.88
N TRP A 420 17.23 -26.25 -13.77
CA TRP A 420 15.84 -25.89 -13.95
C TRP A 420 15.41 -25.91 -15.41
N SER A 421 16.32 -25.62 -16.34
CA SER A 421 16.00 -25.70 -17.76
C SER A 421 15.77 -27.14 -18.19
N ALA A 422 16.44 -28.10 -17.54
CA ALA A 422 16.25 -29.50 -17.87
C ALA A 422 15.02 -30.11 -17.20
N ILE A 423 14.38 -29.39 -16.29
CA ILE A 423 13.27 -29.90 -15.49
C ILE A 423 12.01 -29.15 -15.85
N GLY A 424 10.96 -29.89 -16.20
CA GLY A 424 9.64 -29.31 -16.38
C GLY A 424 8.74 -29.69 -15.22
N LEU A 425 8.51 -28.74 -14.33
CA LEU A 425 7.87 -29.00 -13.05
C LEU A 425 6.47 -28.42 -13.03
N VAL A 426 5.50 -29.24 -12.64
CA VAL A 426 4.15 -28.78 -12.32
C VAL A 426 3.96 -29.02 -10.82
N PRO A 427 4.03 -27.98 -9.99
CA PRO A 427 4.01 -28.16 -8.54
C PRO A 427 2.62 -28.49 -8.03
N GLN A 428 2.59 -29.02 -6.80
CA GLN A 428 1.32 -29.31 -6.14
C GLN A 428 0.54 -28.02 -5.87
N ARG A 429 1.24 -26.98 -5.45
CA ARG A 429 0.66 -25.64 -5.32
C ARG A 429 1.20 -24.82 -6.48
N GLY A 430 0.43 -24.74 -7.57
CA GLY A 430 0.85 -24.07 -8.77
C GLY A 430 0.42 -22.61 -8.81
N TYR A 431 0.71 -21.98 -9.96
CA TYR A 431 0.37 -20.59 -10.17
C TYR A 431 0.25 -20.32 -11.66
N LEU A 432 -0.83 -19.65 -12.05
CA LEU A 432 -1.01 -19.15 -13.41
C LEU A 432 -1.03 -17.64 -13.35
N PHE A 433 -0.25 -17.00 -14.22
CA PHE A 433 -0.09 -15.56 -14.18
C PHE A 433 -1.24 -14.86 -14.90
N SER A 434 -1.48 -13.61 -14.51
CA SER A 434 -2.47 -12.78 -15.18
C SER A 434 -2.02 -12.48 -16.61
N GLY A 435 -2.97 -12.50 -17.53
CA GLY A 435 -2.66 -12.26 -18.92
C GLY A 435 -3.47 -13.16 -19.84
N THR A 436 -2.81 -13.75 -20.84
CA THR A 436 -3.46 -14.63 -21.79
C THR A 436 -2.93 -16.05 -21.63
N VAL A 437 -3.64 -16.99 -22.24
CA VAL A 437 -3.20 -18.39 -22.22
C VAL A 437 -1.86 -18.53 -22.92
N ALA A 438 -1.69 -17.85 -24.06
CA ALA A 438 -0.43 -17.92 -24.78
C ALA A 438 0.72 -17.35 -23.96
N GLU A 439 0.47 -16.23 -23.25
CA GLU A 439 1.50 -15.66 -22.39
C GLU A 439 1.88 -16.60 -21.27
N ASN A 440 0.88 -17.27 -20.67
CA ASN A 440 1.16 -18.23 -19.62
C ASN A 440 1.95 -19.42 -20.14
N LEU A 441 1.60 -19.93 -21.32
CA LEU A 441 2.32 -21.03 -21.92
C LEU A 441 3.72 -20.63 -22.35
N ARG A 442 3.96 -19.33 -22.61
CA ARG A 442 5.30 -18.88 -22.97
C ARG A 442 6.27 -18.99 -21.81
N TYR A 443 5.79 -19.10 -20.57
CA TYR A 443 6.69 -19.34 -19.45
C TYR A 443 7.42 -20.67 -19.62
N GLY A 444 6.80 -21.63 -20.31
CA GLY A 444 7.48 -22.88 -20.61
C GLY A 444 8.58 -22.71 -21.63
N ARG A 445 8.33 -21.97 -22.70
CA ARG A 445 9.28 -21.89 -23.81
C ARG A 445 9.74 -20.47 -24.13
N ALA A 446 8.83 -19.49 -24.14
CA ALA A 446 9.11 -18.08 -24.39
C ALA A 446 9.45 -17.78 -25.85
N ASP A 447 9.57 -18.81 -26.68
CA ASP A 447 9.72 -18.63 -28.11
C ASP A 447 8.85 -19.63 -28.89
N ALA A 448 7.79 -20.12 -28.27
CA ALA A 448 6.97 -21.13 -28.89
C ALA A 448 6.05 -20.53 -29.95
N THR A 449 5.88 -21.26 -31.06
CA THR A 449 4.93 -20.87 -32.08
C THR A 449 3.52 -21.29 -31.67
N ASP A 450 2.53 -20.77 -32.39
CA ASP A 450 1.15 -21.12 -32.11
C ASP A 450 0.89 -22.60 -32.36
N ASP A 451 1.58 -23.20 -33.33
CA ASP A 451 1.36 -24.61 -33.64
C ASP A 451 1.83 -25.49 -32.50
N GLU A 452 3.02 -25.24 -31.96
CA GLU A 452 3.49 -26.03 -30.82
C GLU A 452 2.72 -25.69 -29.55
N MET A 453 2.21 -24.47 -29.44
CA MET A 453 1.31 -24.14 -28.34
C MET A 453 0.05 -25.00 -28.39
N TRP A 454 -0.54 -25.13 -29.58
CA TRP A 454 -1.72 -25.97 -29.74
C TRP A 454 -1.38 -27.44 -29.52
N GLU A 455 -0.18 -27.87 -29.92
CA GLU A 455 0.23 -29.24 -29.66
C GLU A 455 0.34 -29.50 -28.16
N ALA A 456 0.94 -28.56 -27.42
CA ALA A 456 1.04 -28.71 -25.97
C ALA A 456 -0.34 -28.72 -25.32
N LEU A 457 -1.25 -27.86 -25.80
CA LEU A 457 -2.61 -27.87 -25.27
C LEU A 457 -3.30 -29.19 -25.57
N ARG A 458 -3.07 -29.76 -26.75
CA ARG A 458 -3.68 -31.04 -27.09
C ARG A 458 -3.15 -32.16 -26.21
N VAL A 459 -1.84 -32.15 -25.94
CA VAL A 459 -1.27 -33.18 -25.08
C VAL A 459 -1.89 -33.14 -23.69
N ALA A 460 -2.04 -31.94 -23.13
CA ALA A 460 -2.63 -31.76 -21.82
C ALA A 460 -4.15 -31.83 -21.85
N ALA A 461 -4.74 -32.20 -22.99
CA ALA A 461 -6.20 -32.21 -23.16
C ALA A 461 -6.81 -30.85 -22.88
N ALA A 462 -6.03 -29.79 -23.11
CA ALA A 462 -6.48 -28.43 -22.88
C ALA A 462 -6.84 -27.69 -24.15
N ALA A 463 -6.82 -28.36 -25.30
CA ALA A 463 -7.09 -27.67 -26.56
C ALA A 463 -8.55 -27.32 -26.73
N ASP A 464 -9.45 -28.12 -26.15
CA ASP A 464 -10.88 -27.92 -26.40
C ASP A 464 -11.38 -26.62 -25.79
N PHE A 465 -11.06 -26.37 -24.52
CA PHE A 465 -11.57 -25.16 -23.86
C PHE A 465 -10.80 -23.91 -24.24
N VAL A 466 -9.63 -24.04 -24.86
CA VAL A 466 -8.94 -22.87 -25.40
C VAL A 466 -9.47 -22.54 -26.79
N ARG A 467 -9.69 -23.56 -27.62
CA ARG A 467 -10.30 -23.33 -28.92
C ARG A 467 -11.71 -22.81 -28.79
N ALA A 468 -12.44 -23.24 -27.76
CA ALA A 468 -13.82 -22.81 -27.57
C ALA A 468 -13.94 -21.30 -27.32
N HIS A 469 -12.91 -20.69 -26.74
CA HIS A 469 -12.96 -19.26 -26.49
C HIS A 469 -12.85 -18.50 -27.81
N PRO A 470 -13.56 -17.37 -27.95
CA PRO A 470 -13.46 -16.59 -29.19
C PRO A 470 -12.06 -16.10 -29.51
N GLN A 471 -11.24 -15.84 -28.49
CA GLN A 471 -9.90 -15.30 -28.71
C GLN A 471 -8.84 -16.39 -28.81
N GLY A 472 -9.21 -17.66 -28.71
CA GLY A 472 -8.25 -18.74 -28.90
C GLY A 472 -7.15 -18.69 -27.87
N LEU A 473 -5.90 -18.71 -28.36
CA LEU A 473 -4.75 -18.67 -27.47
C LEU A 473 -4.65 -17.38 -26.69
N ASP A 474 -5.33 -16.32 -27.13
CA ASP A 474 -5.31 -15.04 -26.44
C ASP A 474 -6.48 -14.86 -25.49
N MET A 475 -7.06 -15.96 -25.01
CA MET A 475 -8.12 -15.87 -24.01
C MET A 475 -7.54 -15.31 -22.71
N PRO A 476 -8.19 -14.36 -22.06
CA PRO A 476 -7.63 -13.77 -20.86
C PRO A 476 -7.53 -14.76 -19.71
N VAL A 477 -6.52 -14.55 -18.86
CA VAL A 477 -6.29 -15.37 -17.68
C VAL A 477 -6.22 -14.45 -16.47
N ALA A 478 -6.92 -14.80 -15.40
CA ALA A 478 -6.95 -13.98 -14.20
C ALA A 478 -5.63 -14.14 -13.43
N GLN A 479 -5.55 -13.44 -12.29
CA GLN A 479 -4.29 -13.32 -11.58
C GLN A 479 -3.76 -14.68 -11.12
N GLY A 480 -4.64 -15.53 -10.62
CA GLY A 480 -4.27 -16.89 -10.27
C GLY A 480 -4.92 -17.95 -11.13
N GLY A 481 -5.56 -17.58 -12.23
CA GLY A 481 -6.30 -18.54 -13.02
C GLY A 481 -7.64 -18.92 -12.44
N ILE A 482 -8.17 -18.13 -11.51
CA ILE A 482 -9.44 -18.45 -10.86
C ILE A 482 -10.63 -18.27 -11.79
N ASN A 483 -10.44 -17.71 -12.98
CA ASN A 483 -11.47 -17.73 -14.01
C ASN A 483 -11.49 -19.05 -14.77
N PHE A 484 -10.80 -20.06 -14.25
CA PHE A 484 -10.80 -21.40 -14.78
C PHE A 484 -11.21 -22.37 -13.70
N SER A 485 -11.60 -23.57 -14.11
CA SER A 485 -11.83 -24.63 -13.15
C SER A 485 -10.49 -25.18 -12.65
N GLY A 486 -10.54 -25.92 -11.53
CA GLY A 486 -9.32 -26.44 -10.96
C GLY A 486 -8.58 -27.38 -11.89
N GLY A 487 -9.31 -28.26 -12.56
CA GLY A 487 -8.68 -29.16 -13.53
C GLY A 487 -8.23 -28.45 -14.78
N GLN A 488 -8.91 -27.36 -15.16
CA GLN A 488 -8.42 -26.54 -16.26
C GLN A 488 -7.09 -25.89 -15.90
N ARG A 489 -6.95 -25.41 -14.66
CA ARG A 489 -5.68 -24.90 -14.19
C ARG A 489 -4.62 -25.99 -14.19
N GLN A 490 -4.98 -27.19 -13.74
CA GLN A 490 -4.03 -28.30 -13.75
C GLN A 490 -3.58 -28.63 -15.16
N ARG A 491 -4.50 -28.64 -16.12
CA ARG A 491 -4.13 -28.93 -17.50
C ARG A 491 -3.32 -27.82 -18.12
N LEU A 492 -3.58 -26.56 -17.74
CA LEU A 492 -2.73 -25.47 -18.21
C LEU A 492 -1.31 -25.61 -17.67
N ALA A 493 -1.16 -25.99 -16.40
CA ALA A 493 0.16 -26.24 -15.85
C ALA A 493 0.85 -27.41 -16.56
N ILE A 494 0.09 -28.46 -16.85
CA ILE A 494 0.65 -29.60 -17.58
C ILE A 494 1.11 -29.17 -18.96
N ALA A 495 0.31 -28.36 -19.65
CA ALA A 495 0.68 -27.89 -20.98
C ALA A 495 1.90 -26.99 -20.93
N ARG A 496 2.02 -26.16 -19.88
CA ARG A 496 3.21 -25.34 -19.71
C ARG A 496 4.45 -26.20 -19.52
N ALA A 497 4.32 -27.28 -18.75
CA ALA A 497 5.44 -28.21 -18.60
C ALA A 497 5.74 -28.93 -19.91
N VAL A 498 4.71 -29.26 -20.69
CA VAL A 498 4.90 -30.02 -21.91
C VAL A 498 5.58 -29.17 -22.98
N ILE A 499 5.17 -27.92 -23.13
CA ILE A 499 5.72 -27.04 -24.16
C ILE A 499 7.21 -26.83 -23.96
N ARG A 500 7.70 -27.02 -22.74
CA ARG A 500 9.13 -26.93 -22.49
C ARG A 500 9.89 -28.10 -23.11
N ARG A 501 9.24 -29.25 -23.23
CA ARG A 501 9.89 -30.48 -23.65
C ARG A 501 11.14 -30.77 -22.82
N PRO A 502 11.01 -30.89 -21.50
CA PRO A 502 12.19 -31.02 -20.64
C PRO A 502 12.75 -32.44 -20.65
N ALA A 503 13.94 -32.56 -20.07
CA ALA A 503 14.55 -33.87 -19.89
C ALA A 503 13.92 -34.64 -18.74
N ILE A 504 13.45 -33.92 -17.71
CA ILE A 504 12.87 -34.54 -16.52
C ILE A 504 11.50 -33.93 -16.28
N TYR A 505 10.50 -34.77 -16.10
CA TYR A 505 9.15 -34.35 -15.75
C TYR A 505 8.91 -34.65 -14.28
N LEU A 506 8.49 -33.64 -13.53
CA LEU A 506 8.18 -33.79 -12.11
C LEU A 506 6.70 -33.46 -11.91
N PHE A 507 5.88 -34.49 -11.78
CA PHE A 507 4.44 -34.34 -11.61
C PHE A 507 4.12 -34.50 -10.13
N ASP A 508 4.08 -33.38 -9.41
CA ASP A 508 3.78 -33.39 -7.98
C ASP A 508 2.27 -33.31 -7.79
N ASP A 509 1.62 -34.47 -8.00
CA ASP A 509 0.17 -34.61 -7.92
C ASP A 509 -0.52 -33.62 -8.86
N ALA A 510 -0.25 -33.81 -10.15
CA ALA A 510 -0.74 -32.91 -11.20
C ALA A 510 -2.04 -33.37 -11.82
N PHE A 511 -2.66 -34.44 -11.30
CA PHE A 511 -3.86 -35.01 -11.91
C PHE A 511 -4.97 -35.24 -10.89
N SER A 512 -4.91 -34.59 -9.73
CA SER A 512 -5.92 -34.80 -8.70
C SER A 512 -7.26 -34.16 -9.07
N ALA A 513 -7.26 -33.13 -9.91
CA ALA A 513 -8.48 -32.41 -10.26
C ALA A 513 -9.03 -32.83 -11.62
N LEU A 514 -8.52 -33.90 -12.20
CA LEU A 514 -8.98 -34.40 -13.49
C LEU A 514 -9.91 -35.58 -13.29
N ASP A 515 -10.93 -35.68 -14.13
CA ASP A 515 -11.81 -36.83 -14.11
C ASP A 515 -11.10 -38.05 -14.71
N VAL A 516 -11.74 -39.21 -14.61
CA VAL A 516 -11.10 -40.45 -15.04
C VAL A 516 -10.79 -40.41 -16.53
N HIS A 517 -11.73 -39.93 -17.34
CA HIS A 517 -11.50 -39.88 -18.78
C HIS A 517 -10.40 -38.88 -19.14
N THR A 518 -10.48 -37.68 -18.57
CA THR A 518 -9.45 -36.68 -18.86
C THR A 518 -8.10 -37.11 -18.33
N ASP A 519 -8.07 -37.71 -17.13
CA ASP A 519 -6.82 -38.22 -16.58
C ASP A 519 -6.23 -39.29 -17.48
N ALA A 520 -7.06 -40.21 -17.97
CA ALA A 520 -6.56 -41.26 -18.87
C ALA A 520 -6.02 -40.66 -20.16
N ARG A 521 -6.75 -39.71 -20.75
CA ARG A 521 -6.28 -39.10 -21.99
C ARG A 521 -4.95 -38.39 -21.79
N VAL A 522 -4.84 -37.61 -20.71
CA VAL A 522 -3.61 -36.87 -20.45
C VAL A 522 -2.46 -37.84 -20.19
N ARG A 523 -2.71 -38.91 -19.44
CA ARG A 523 -1.64 -39.86 -19.12
C ARG A 523 -1.17 -40.59 -20.37
N ASP A 524 -2.08 -41.00 -21.26
CA ASP A 524 -1.65 -41.61 -22.52
C ASP A 524 -0.89 -40.62 -23.39
N ALA A 525 -1.33 -39.36 -23.46
CA ALA A 525 -0.62 -38.38 -24.25
C ALA A 525 0.79 -38.15 -23.70
N LEU A 526 0.92 -38.09 -22.37
CA LEU A 526 2.24 -37.91 -21.77
C LEU A 526 3.12 -39.13 -21.95
N ARG A 527 2.52 -40.32 -21.91
CA ARG A 527 3.28 -41.54 -22.18
C ARG A 527 3.82 -41.53 -23.61
N GLU A 528 3.00 -41.07 -24.56
CA GLU A 528 3.47 -40.93 -25.93
C GLU A 528 4.56 -39.87 -26.03
N VAL A 529 4.43 -38.78 -25.28
CA VAL A 529 5.35 -37.65 -25.44
C VAL A 529 6.60 -37.83 -24.58
N ALA A 530 6.42 -38.17 -23.30
CA ALA A 530 7.53 -38.25 -22.36
C ALA A 530 8.18 -39.63 -22.31
N ALA A 531 8.07 -40.39 -23.40
CA ALA A 531 8.71 -41.71 -23.44
C ALA A 531 10.23 -41.60 -23.34
N ASP A 532 10.81 -40.61 -24.01
CA ASP A 532 12.25 -40.42 -24.03
C ASP A 532 12.77 -39.64 -22.83
N ALA A 533 11.89 -39.15 -21.96
CA ALA A 533 12.28 -38.29 -20.86
C ALA A 533 12.03 -38.98 -19.52
N THR A 534 12.89 -38.68 -18.54
CA THR A 534 12.71 -39.20 -17.20
C THR A 534 11.49 -38.55 -16.54
N VAL A 535 10.67 -39.36 -15.89
CA VAL A 535 9.45 -38.90 -15.25
C VAL A 535 9.45 -39.36 -13.79
N VAL A 536 9.26 -38.41 -12.88
CA VAL A 536 9.00 -38.71 -11.48
C VAL A 536 7.61 -38.18 -11.16
N ILE A 537 6.72 -39.08 -10.77
CA ILE A 537 5.31 -38.77 -10.61
C ILE A 537 4.89 -39.06 -9.17
N VAL A 538 4.21 -38.10 -8.55
CA VAL A 538 3.61 -38.29 -7.24
C VAL A 538 2.13 -38.55 -7.46
N SER A 539 1.68 -39.76 -7.14
CA SER A 539 0.32 -40.16 -7.44
C SER A 539 -0.25 -40.92 -6.26
N GLN A 540 -1.58 -40.86 -6.13
CA GLN A 540 -2.30 -41.59 -5.10
C GLN A 540 -3.01 -42.83 -5.61
N ARG A 541 -3.38 -42.86 -6.89
CA ARG A 541 -4.09 -43.99 -7.45
C ARG A 541 -3.10 -45.10 -7.81
N ILE A 542 -3.31 -46.29 -7.24
CA ILE A 542 -2.43 -47.42 -7.53
C ILE A 542 -2.57 -47.86 -8.97
N SER A 543 -3.76 -47.69 -9.56
CA SER A 543 -3.97 -48.11 -10.94
C SER A 543 -3.04 -47.39 -11.91
N THR A 544 -2.70 -46.14 -11.60
CA THR A 544 -1.84 -45.35 -12.48
C THR A 544 -0.36 -45.61 -12.25
N VAL A 545 0.02 -46.25 -11.14
CA VAL A 545 1.43 -46.52 -10.86
C VAL A 545 1.86 -47.88 -11.40
N ILE A 546 0.94 -48.67 -11.96
CA ILE A 546 1.32 -49.93 -12.57
C ILE A 546 2.23 -49.69 -13.76
N GLU A 547 1.91 -48.69 -14.59
CA GLU A 547 2.75 -48.36 -15.74
C GLU A 547 4.12 -47.85 -15.34
N ALA A 548 4.28 -47.39 -14.09
CA ALA A 548 5.57 -46.88 -13.65
C ALA A 548 6.59 -48.01 -13.58
N ASP A 549 7.82 -47.72 -14.01
CA ASP A 549 8.87 -48.72 -14.00
C ASP A 549 9.34 -49.03 -12.59
N GLN A 550 9.33 -48.05 -11.69
CA GLN A 550 9.71 -48.24 -10.31
C GLN A 550 8.74 -47.46 -9.42
N VAL A 551 8.36 -48.06 -8.30
CA VAL A 551 7.45 -47.45 -7.34
C VAL A 551 8.17 -47.32 -6.01
N VAL A 552 8.15 -46.12 -5.45
CA VAL A 552 8.80 -45.82 -4.17
C VAL A 552 7.71 -45.51 -3.15
N VAL A 553 7.74 -46.21 -2.02
CA VAL A 553 6.78 -46.02 -0.95
C VAL A 553 7.51 -45.43 0.24
N ILE A 554 7.03 -44.30 0.73
CA ILE A 554 7.61 -43.62 1.88
C ILE A 554 6.53 -43.47 2.94
N ASP A 555 6.89 -43.77 4.19
CA ASP A 555 5.98 -43.64 5.31
C ASP A 555 6.75 -43.11 6.50
N ASP A 556 6.15 -42.15 7.20
CA ASP A 556 6.72 -41.54 8.41
C ASP A 556 7.94 -40.70 8.06
N GLY A 557 8.33 -40.69 6.79
CA GLY A 557 9.45 -39.88 6.34
C GLY A 557 10.64 -40.68 5.87
N ARG A 558 10.47 -41.99 5.72
CA ARG A 558 11.54 -42.85 5.23
C ARG A 558 10.98 -43.88 4.27
N VAL A 559 11.84 -44.40 3.41
CA VAL A 559 11.41 -45.36 2.40
C VAL A 559 11.10 -46.69 3.07
N VAL A 560 9.91 -47.21 2.79
CA VAL A 560 9.46 -48.49 3.36
C VAL A 560 9.42 -49.60 2.33
N GLY A 561 9.70 -49.29 1.06
CA GLY A 561 9.66 -50.30 0.02
C GLY A 561 9.97 -49.76 -1.36
N ILE A 562 10.76 -50.50 -2.13
CA ILE A 562 11.14 -50.12 -3.48
C ILE A 562 10.94 -51.33 -4.38
N GLY A 563 10.24 -51.12 -5.50
CA GLY A 563 10.00 -52.19 -6.43
C GLY A 563 8.81 -51.87 -7.31
N THR A 564 8.42 -52.87 -8.11
CA THR A 564 7.29 -52.74 -8.99
C THR A 564 5.98 -52.95 -8.23
N HIS A 565 4.86 -52.76 -8.94
CA HIS A 565 3.55 -52.89 -8.32
C HIS A 565 3.31 -54.31 -7.81
N ASP A 566 3.60 -55.30 -8.65
CA ASP A 566 3.40 -56.69 -8.25
C ASP A 566 4.32 -57.08 -7.10
N THR A 567 5.58 -56.64 -7.15
CA THR A 567 6.52 -56.93 -6.07
C THR A 567 6.09 -56.28 -4.77
N LEU A 568 5.63 -55.02 -4.85
CA LEU A 568 5.31 -54.27 -3.65
C LEU A 568 3.99 -54.72 -3.02
N LEU A 569 3.02 -55.15 -3.83
CA LEU A 569 1.79 -55.66 -3.24
C LEU A 569 1.99 -56.98 -2.52
N ALA A 570 3.15 -57.61 -2.68
CA ALA A 570 3.47 -58.84 -1.97
C ALA A 570 4.51 -58.67 -0.87
N ASP A 571 5.38 -57.66 -0.96
CA ASP A 571 6.41 -57.47 0.05
C ASP A 571 6.26 -56.21 0.90
N CYS A 572 5.45 -55.24 0.46
CA CYS A 572 5.29 -54.00 1.22
C CYS A 572 3.93 -53.98 1.90
N PRO A 573 3.88 -54.03 3.24
CA PRO A 573 2.57 -53.95 3.91
C PRO A 573 1.83 -52.65 3.65
N ILE A 574 2.55 -51.53 3.54
CA ILE A 574 1.91 -50.24 3.29
C ILE A 574 1.34 -50.20 1.88
N TYR A 575 2.11 -50.67 0.89
CA TYR A 575 1.60 -50.74 -0.47
C TYR A 575 0.42 -51.69 -0.58
N ALA A 576 0.48 -52.81 0.13
CA ALA A 576 -0.65 -53.74 0.14
C ALA A 576 -1.88 -53.09 0.74
N GLU A 577 -1.71 -52.32 1.82
CA GLU A 577 -2.84 -51.61 2.41
C GLU A 577 -3.42 -50.58 1.45
N PHE A 578 -2.55 -49.86 0.74
CA PHE A 578 -3.03 -48.89 -0.25
C PHE A 578 -3.82 -49.57 -1.36
N ALA A 579 -3.30 -50.69 -1.87
CA ALA A 579 -4.00 -51.43 -2.92
C ALA A 579 -5.33 -51.98 -2.43
N GLU A 580 -5.36 -52.50 -1.20
CA GLU A 580 -6.61 -52.99 -0.64
C GLU A 580 -7.63 -51.86 -0.48
N SER A 581 -7.17 -50.69 -0.03
CA SER A 581 -8.08 -49.56 0.12
C SER A 581 -8.63 -49.10 -1.23
N GLN A 582 -7.79 -49.10 -2.26
CA GLN A 582 -8.23 -48.63 -3.58
C GLN A 582 -8.91 -49.71 -4.41
N ALA A 583 -8.91 -50.96 -3.96
CA ALA A 583 -9.58 -52.02 -4.71
C ALA A 583 -11.06 -51.74 -4.84
N LEU A 584 -11.62 -52.08 -6.00
CA LEU A 584 -13.02 -51.85 -6.29
C LEU A 584 -13.81 -53.15 -6.26
N THR B 14 -11.92 10.55 -18.34
CA THR B 14 -11.12 9.51 -17.71
C THR B 14 -11.33 9.47 -16.21
N ARG B 15 -10.68 10.39 -15.51
CA ARG B 15 -10.72 10.47 -14.05
C ARG B 15 -11.02 11.88 -13.62
N ASP B 16 -11.83 12.02 -12.57
CA ASP B 16 -12.33 13.31 -12.10
C ASP B 16 -11.60 13.67 -10.81
N PHE B 17 -10.65 14.58 -10.92
CA PHE B 17 -9.88 15.02 -9.76
C PHE B 17 -10.51 16.22 -9.05
N LYS B 18 -11.10 17.15 -9.81
CA LYS B 18 -11.80 18.27 -9.18
C LYS B 18 -13.01 17.78 -8.38
N GLY B 19 -13.77 16.85 -8.95
CA GLY B 19 -14.90 16.30 -8.23
C GLY B 19 -14.48 15.51 -7.01
N SER B 20 -13.39 14.77 -7.11
CA SER B 20 -12.89 14.02 -5.95
C SER B 20 -12.40 14.96 -4.85
N ALA B 21 -11.73 16.05 -5.22
CA ALA B 21 -11.33 17.03 -4.22
C ALA B 21 -12.53 17.67 -3.55
N ILE B 22 -13.58 17.97 -4.33
CA ILE B 22 -14.80 18.52 -3.76
C ILE B 22 -15.44 17.53 -2.80
N ARG B 23 -15.49 16.25 -3.18
CA ARG B 23 -16.07 15.23 -2.31
C ARG B 23 -15.27 15.07 -1.02
N LEU B 24 -13.94 15.09 -1.13
CA LEU B 24 -13.11 14.98 0.06
C LEU B 24 -13.30 16.19 0.98
N ALA B 25 -13.38 17.39 0.40
CA ALA B 25 -13.61 18.58 1.21
C ALA B 25 -14.98 18.51 1.88
N ARG B 26 -16.00 18.04 1.17
CA ARG B 26 -17.32 17.91 1.75
C ARG B 26 -17.36 16.88 2.88
N ARG B 27 -16.61 15.79 2.74
CA ARG B 27 -16.51 14.82 3.82
C ARG B 27 -15.78 15.40 5.02
N LEU B 28 -14.71 16.17 4.78
CA LEU B 28 -13.96 16.76 5.89
C LEU B 28 -14.74 17.85 6.60
N LEU B 29 -15.60 18.58 5.87
CA LEU B 29 -16.34 19.72 6.42
C LEU B 29 -17.82 19.50 6.18
N PRO B 30 -18.48 18.68 7.01
CA PRO B 30 -19.93 18.49 6.88
C PRO B 30 -20.74 19.69 7.34
N GLN B 31 -22.05 19.52 7.45
CA GLN B 31 -22.98 20.60 7.82
C GLN B 31 -22.56 21.28 9.12
N ARG B 32 -23.09 22.48 9.35
CA ARG B 32 -22.54 23.39 10.34
C ARG B 32 -22.84 22.95 11.77
N ALA B 33 -22.17 21.90 12.23
CA ALA B 33 -22.23 21.49 13.64
C ALA B 33 -20.91 21.78 14.36
N LEU B 34 -19.81 21.24 13.84
CA LEU B 34 -18.47 21.52 14.35
C LEU B 34 -17.60 22.26 13.35
N THR B 35 -17.85 22.11 12.05
CA THR B 35 -17.09 22.85 11.05
C THR B 35 -17.36 24.35 11.18
N LEU B 36 -18.58 24.73 11.56
CA LEU B 36 -18.87 26.14 11.80
C LEU B 36 -18.02 26.68 12.95
N ALA B 37 -17.90 25.91 14.04
CA ALA B 37 -17.05 26.34 15.14
C ALA B 37 -15.59 26.43 14.71
N VAL B 38 -15.12 25.46 13.92
CA VAL B 38 -13.74 25.50 13.44
C VAL B 38 -13.51 26.75 12.60
N ILE B 39 -14.44 27.05 11.69
CA ILE B 39 -14.29 28.20 10.79
C ILE B 39 -14.32 29.49 11.60
N LEU B 40 -15.23 29.59 12.56
CA LEU B 40 -15.33 30.83 13.34
C LEU B 40 -14.11 31.04 14.21
N LEU B 41 -13.60 29.99 14.85
CA LEU B 41 -12.38 30.12 15.64
C LEU B 41 -11.19 30.51 14.78
N GLY B 42 -11.09 29.92 13.59
CA GLY B 42 -10.02 30.30 12.69
C GLY B 42 -10.12 31.75 12.24
N VAL B 43 -11.32 32.20 11.91
CA VAL B 43 -11.52 33.59 11.49
C VAL B 43 -11.17 34.54 12.62
N GLY B 44 -11.63 34.24 13.83
CA GLY B 44 -11.34 35.10 14.96
C GLY B 44 -9.84 35.18 15.26
N GLY B 45 -9.17 34.03 15.29
CA GLY B 45 -7.75 34.02 15.52
C GLY B 45 -6.97 34.75 14.45
N ILE B 46 -7.35 34.54 13.19
CA ILE B 46 -6.64 35.18 12.08
C ILE B 46 -6.82 36.69 12.15
N ALA B 47 -8.05 37.16 12.40
CA ALA B 47 -8.30 38.59 12.48
C ALA B 47 -7.53 39.22 13.65
N ILE B 48 -7.54 38.55 14.80
CA ILE B 48 -6.88 39.12 15.97
C ILE B 48 -5.36 39.17 15.77
N GLY B 49 -4.79 38.11 15.19
CA GLY B 49 -3.37 38.12 14.93
C GLY B 49 -2.96 38.99 13.76
N VAL B 50 -3.90 39.35 12.89
CA VAL B 50 -3.61 40.26 11.80
C VAL B 50 -3.70 41.73 12.26
N ILE B 51 -4.52 42.01 13.26
CA ILE B 51 -4.59 43.35 13.82
C ILE B 51 -3.24 43.79 14.40
N GLY B 52 -2.44 42.83 14.88
CA GLY B 52 -1.23 43.10 15.62
C GLY B 52 -0.19 43.97 14.94
N PRO B 53 0.14 43.68 13.68
CA PRO B 53 1.11 44.53 12.97
C PRO B 53 0.71 46.00 12.90
N ARG B 54 -0.59 46.31 12.84
CA ARG B 54 -1.00 47.71 12.90
C ARG B 54 -0.65 48.35 14.23
N ILE B 55 -0.83 47.61 15.32
CA ILE B 55 -0.48 48.11 16.65
C ILE B 55 1.03 48.32 16.77
N LEU B 56 1.81 47.37 16.25
CA LEU B 56 3.26 47.51 16.26
C LEU B 56 3.70 48.70 15.42
N GLY B 57 3.02 48.92 14.28
CA GLY B 57 3.32 50.09 13.47
C GLY B 57 2.99 51.39 14.18
N HIS B 58 1.91 51.41 14.96
CA HIS B 58 1.61 52.59 15.76
C HIS B 58 2.69 52.86 16.78
N ALA B 59 3.19 51.80 17.43
CA ALA B 59 4.29 51.97 18.38
C ALA B 59 5.55 52.51 17.69
N THR B 60 5.85 51.98 16.50
CA THR B 60 6.98 52.48 15.73
C THR B 60 6.78 53.94 15.33
N ASP B 61 5.55 54.32 14.99
CA ASP B 61 5.26 55.71 14.67
C ASP B 61 5.48 56.61 15.88
N LEU B 62 5.07 56.16 17.07
CA LEU B 62 5.32 56.94 18.27
C LEU B 62 6.83 57.12 18.50
N LEU B 63 7.59 56.03 18.35
CA LEU B 63 9.04 56.11 18.55
C LEU B 63 9.66 57.08 17.55
N PHE B 64 9.29 56.95 16.28
CA PHE B 64 9.87 57.80 15.23
C PHE B 64 9.48 59.26 15.45
N ASN B 65 8.24 59.52 15.82
CA ASN B 65 7.80 60.88 16.07
C ASN B 65 8.58 61.50 17.22
N GLY B 66 8.74 60.76 18.31
CA GLY B 66 9.50 61.29 19.43
C GLY B 66 10.95 61.55 19.07
N VAL B 67 11.58 60.60 18.36
CA VAL B 67 12.99 60.74 18.03
C VAL B 67 13.22 61.92 17.09
N ILE B 68 12.34 62.09 16.10
CA ILE B 68 12.50 63.20 15.18
C ILE B 68 12.22 64.53 15.86
N GLY B 69 11.16 64.60 16.66
CA GLY B 69 10.79 65.86 17.29
C GLY B 69 11.69 66.28 18.43
N ARG B 70 12.45 65.35 19.01
CA ARG B 70 13.37 65.70 20.07
C ARG B 70 14.46 66.65 19.58
N GLU B 71 14.96 66.42 18.37
CA GLU B 71 16.08 67.20 17.84
C GLU B 71 15.68 68.57 17.32
N LEU B 72 14.38 68.83 17.16
CA LEU B 72 14.01 70.15 16.69
C LEU B 72 13.88 71.13 17.86
N PRO B 73 14.09 72.42 17.62
CA PRO B 73 13.94 73.40 18.71
C PRO B 73 12.52 73.41 19.26
N ALA B 74 12.42 73.56 20.59
CA ALA B 74 11.13 73.50 21.26
C ALA B 74 10.29 74.76 21.05
N GLY B 75 10.90 75.87 20.66
CA GLY B 75 10.16 77.10 20.47
C GLY B 75 9.34 77.17 19.21
N LEU B 76 9.48 76.19 18.31
CA LEU B 76 8.76 76.19 17.05
C LEU B 76 7.64 75.15 17.08
N THR B 77 6.57 75.45 16.35
CA THR B 77 5.48 74.50 16.16
C THR B 77 5.79 73.62 14.95
N LYS B 78 4.87 72.68 14.67
CA LYS B 78 5.09 71.78 13.54
C LYS B 78 5.09 72.55 12.22
N GLU B 79 4.15 73.46 12.04
CA GLU B 79 4.14 74.27 10.82
C GLU B 79 5.36 75.18 10.75
N GLN B 80 5.76 75.76 11.89
CA GLN B 80 6.96 76.59 11.91
C GLN B 80 8.20 75.76 11.63
N ALA B 81 8.26 74.53 12.15
CA ALA B 81 9.39 73.65 11.86
C ALA B 81 9.45 73.29 10.37
N VAL B 82 8.29 73.01 9.76
CA VAL B 82 8.25 72.71 8.34
C VAL B 82 8.70 73.93 7.53
N GLU B 83 8.25 75.12 7.92
CA GLU B 83 8.67 76.34 7.23
C GLU B 83 10.17 76.55 7.35
N ALA B 84 10.73 76.32 8.54
CA ALA B 84 12.17 76.46 8.74
C ALA B 84 12.94 75.45 7.89
N ALA B 85 12.44 74.22 7.82
CA ALA B 85 13.09 73.20 6.99
C ALA B 85 13.04 73.57 5.51
N ARG B 86 11.92 74.14 5.06
CA ARG B 86 11.84 74.62 3.68
C ARG B 86 12.83 75.76 3.44
N ALA B 87 12.97 76.67 4.41
CA ALA B 87 13.94 77.74 4.29
C ALA B 87 15.36 77.21 4.21
N ARG B 88 15.60 76.03 4.78
CA ARG B 88 16.90 75.38 4.68
C ARG B 88 17.00 74.66 3.34
N GLY B 89 18.01 73.82 3.19
CA GLY B 89 18.30 73.21 1.90
C GLY B 89 17.64 71.86 1.68
N ASP B 90 17.64 71.46 0.41
CA ASP B 90 17.27 70.13 -0.09
C ASP B 90 15.77 69.86 -0.05
N GLY B 91 15.00 70.72 0.62
CA GLY B 91 13.57 70.76 0.41
C GLY B 91 12.75 69.60 0.96
N THR B 92 13.34 68.41 1.00
CA THR B 92 12.57 67.18 1.22
C THR B 92 12.38 66.83 2.69
N PHE B 93 13.23 67.33 3.58
CA PHE B 93 13.04 67.07 5.00
C PHE B 93 11.72 67.67 5.48
N ALA B 94 11.35 68.84 4.97
CA ALA B 94 10.07 69.44 5.33
C ALA B 94 8.90 68.60 4.84
N ASP B 95 8.98 68.07 3.62
CA ASP B 95 7.93 67.20 3.11
C ASP B 95 7.81 65.95 3.95
N LEU B 96 8.94 65.39 4.38
CA LEU B 96 8.92 64.25 5.30
C LEU B 96 8.28 64.63 6.63
N LEU B 97 8.60 65.83 7.14
CA LEU B 97 8.07 66.27 8.43
C LEU B 97 6.58 66.56 8.37
N SER B 98 6.06 66.91 7.19
CA SER B 98 4.67 67.34 7.09
C SER B 98 3.71 66.25 7.54
N GLY B 99 3.98 65.00 7.19
CA GLY B 99 3.12 63.91 7.59
C GLY B 99 3.44 63.26 8.92
N MET B 100 4.45 63.75 9.64
CA MET B 100 4.86 63.10 10.89
C MET B 100 3.90 63.41 12.02
N ASP B 101 3.35 64.62 12.06
CA ASP B 101 2.54 65.09 13.18
C ASP B 101 3.33 65.01 14.50
N ILE B 102 4.46 65.72 14.52
CA ILE B 102 5.35 65.72 15.67
C ILE B 102 5.15 66.99 16.48
N VAL B 103 5.58 66.94 17.74
CA VAL B 103 5.60 68.12 18.61
C VAL B 103 7.05 68.39 18.98
N PRO B 104 7.66 69.45 18.46
CA PRO B 104 9.10 69.67 18.67
C PRO B 104 9.45 69.79 20.15
N GLY B 105 10.59 69.23 20.52
CA GLY B 105 11.07 69.29 21.88
C GLY B 105 10.37 68.38 22.87
N GLN B 106 9.65 67.37 22.39
CA GLN B 106 8.92 66.48 23.29
C GLN B 106 9.67 65.20 23.59
N GLY B 107 10.20 64.54 22.57
CA GLY B 107 10.85 63.27 22.77
C GLY B 107 9.86 62.12 22.76
N VAL B 108 10.39 60.93 23.04
CA VAL B 108 9.59 59.71 23.00
C VAL B 108 8.83 59.55 24.30
N ASP B 109 7.52 59.37 24.19
CA ASP B 109 6.66 59.06 25.34
C ASP B 109 6.61 57.55 25.48
N PHE B 110 7.42 57.01 26.38
CA PHE B 110 7.52 55.55 26.51
C PHE B 110 6.29 54.94 27.18
N GLY B 111 5.48 55.75 27.87
CA GLY B 111 4.24 55.22 28.42
C GLY B 111 3.27 54.77 27.34
N ALA B 112 3.10 55.60 26.30
CA ALA B 112 2.24 55.23 25.19
C ALA B 112 2.78 54.01 24.45
N VAL B 113 4.10 53.95 24.27
CA VAL B 113 4.72 52.79 23.63
C VAL B 113 4.46 51.54 24.44
N GLY B 114 4.62 51.62 25.76
CA GLY B 114 4.40 50.47 26.61
C GLY B 114 2.96 50.01 26.60
N ARG B 115 2.01 50.96 26.65
CA ARG B 115 0.60 50.60 26.61
C ARG B 115 0.22 49.96 25.28
N THR B 116 0.73 50.51 24.18
CA THR B 116 0.46 49.95 22.86
C THR B 116 1.00 48.52 22.76
N LEU B 117 2.23 48.31 23.28
CA LEU B 117 2.82 46.98 23.24
C LEU B 117 2.10 46.00 24.15
N ALA B 118 1.59 46.47 25.30
CA ALA B 118 0.80 45.60 26.15
C ALA B 118 -0.49 45.17 25.46
N LEU B 119 -1.14 46.10 24.76
CA LEU B 119 -2.33 45.74 24.00
C LEU B 119 -1.99 44.71 22.92
N ALA B 120 -0.88 44.91 22.22
CA ALA B 120 -0.46 43.96 21.19
C ALA B 120 -0.21 42.58 21.80
N LEU B 121 0.45 42.55 22.96
CA LEU B 121 0.76 41.28 23.60
C LEU B 121 -0.49 40.54 24.02
N GLY B 122 -1.47 41.27 24.58
CA GLY B 122 -2.73 40.63 24.93
C GLY B 122 -3.46 40.06 23.73
N LEU B 123 -3.51 40.84 22.64
CA LEU B 123 -4.15 40.34 21.43
C LEU B 123 -3.43 39.11 20.90
N TYR B 124 -2.09 39.10 20.95
CA TYR B 124 -1.33 37.96 20.47
C TYR B 124 -1.60 36.71 21.31
N LEU B 125 -1.68 36.87 22.63
CA LEU B 125 -2.02 35.74 23.49
C LEU B 125 -3.40 35.19 23.15
N VAL B 126 -4.38 36.08 22.96
CA VAL B 126 -5.73 35.64 22.63
C VAL B 126 -5.73 34.88 21.30
N ALA B 127 -5.00 35.41 20.31
CA ALA B 127 -4.94 34.76 19.00
C ALA B 127 -4.31 33.38 19.10
N ALA B 128 -3.25 33.24 19.89
CA ALA B 128 -2.62 31.93 20.06
C ALA B 128 -3.58 30.94 20.68
N LEU B 129 -4.32 31.36 21.71
CA LEU B 129 -5.29 30.45 22.34
C LEU B 129 -6.37 30.01 21.35
N LEU B 130 -6.90 30.97 20.58
CA LEU B 130 -7.94 30.62 19.61
C LEU B 130 -7.42 29.67 18.54
N VAL B 131 -6.19 29.91 18.07
CA VAL B 131 -5.60 29.04 17.04
C VAL B 131 -5.39 27.64 17.60
N TRP B 132 -4.97 27.53 18.86
CA TRP B 132 -4.80 26.20 19.46
C TRP B 132 -6.12 25.45 19.53
N VAL B 133 -7.19 26.13 19.97
CA VAL B 133 -8.48 25.46 20.06
C VAL B 133 -8.97 25.04 18.68
N GLN B 134 -8.78 25.90 17.68
CA GLN B 134 -9.19 25.56 16.32
C GLN B 134 -8.42 24.35 15.79
N ALA B 135 -7.12 24.28 16.08
CA ALA B 135 -6.33 23.12 15.65
C ALA B 135 -6.82 21.84 16.31
N ARG B 136 -7.16 21.90 17.60
CA ARG B 136 -7.68 20.71 18.27
C ARG B 136 -9.00 20.25 17.66
N LEU B 137 -9.90 21.20 17.39
CA LEU B 137 -11.17 20.84 16.77
C LEU B 137 -10.96 20.25 15.37
N LEU B 138 -10.01 20.81 14.62
CA LEU B 138 -9.69 20.27 13.30
C LEU B 138 -9.19 18.84 13.40
N ASN B 139 -8.33 18.56 14.38
CA ASN B 139 -7.84 17.19 14.54
C ASN B 139 -8.99 16.24 14.84
N VAL B 140 -9.91 16.65 15.71
CA VAL B 140 -11.05 15.80 16.04
C VAL B 140 -11.87 15.50 14.79
N THR B 141 -12.20 16.54 14.01
CA THR B 141 -13.06 16.32 12.85
C THR B 141 -12.35 15.51 11.76
N VAL B 142 -11.04 15.71 11.60
CA VAL B 142 -10.29 14.93 10.62
C VAL B 142 -10.30 13.47 10.97
N GLN B 143 -10.08 13.14 12.24
CA GLN B 143 -10.11 11.74 12.65
C GLN B 143 -11.50 11.16 12.51
N ARG B 144 -12.55 11.96 12.75
CA ARG B 144 -13.91 11.47 12.53
C ARG B 144 -14.13 11.06 11.08
N THR B 145 -13.76 11.92 10.14
CA THR B 145 -13.94 11.58 8.73
C THR B 145 -13.07 10.39 8.32
N MET B 146 -11.87 10.26 8.88
CA MET B 146 -11.02 9.14 8.54
C MET B 146 -11.61 7.81 9.04
N VAL B 147 -12.15 7.81 10.25
CA VAL B 147 -12.83 6.61 10.76
C VAL B 147 -14.00 6.25 9.86
N ALA B 148 -14.80 7.26 9.48
CA ALA B 148 -15.93 7.00 8.59
C ALA B 148 -15.46 6.43 7.26
N LEU B 149 -14.36 6.96 6.72
CA LEU B 149 -13.86 6.49 5.43
C LEU B 149 -13.41 5.05 5.50
N ARG B 150 -12.67 4.69 6.54
CA ARG B 150 -12.22 3.30 6.68
C ARG B 150 -13.40 2.35 6.86
N ALA B 151 -14.40 2.75 7.65
CA ALA B 151 -15.58 1.90 7.82
C ALA B 151 -16.33 1.71 6.51
N GLU B 152 -16.47 2.79 5.73
CA GLU B 152 -17.13 2.68 4.44
C GLU B 152 -16.37 1.78 3.49
N VAL B 153 -15.04 1.87 3.49
CA VAL B 153 -14.23 0.99 2.65
C VAL B 153 -14.44 -0.46 3.04
N GLN B 154 -14.45 -0.75 4.34
CA GLN B 154 -14.65 -2.13 4.78
C GLN B 154 -16.03 -2.66 4.38
N GLU B 155 -17.06 -1.83 4.53
CA GLU B 155 -18.39 -2.25 4.12
C GLU B 155 -18.46 -2.50 2.62
N LYS B 156 -17.81 -1.63 1.84
CA LYS B 156 -17.78 -1.84 0.39
C LYS B 156 -17.08 -3.14 0.03
N ILE B 157 -15.98 -3.45 0.71
CA ILE B 157 -15.31 -4.73 0.49
C ILE B 157 -16.27 -5.89 0.75
N HIS B 158 -17.03 -5.81 1.83
CA HIS B 158 -17.97 -6.89 2.13
C HIS B 158 -19.20 -6.88 1.23
N ARG B 159 -19.43 -5.83 0.45
CA ARG B 159 -20.60 -5.76 -0.41
C ARG B 159 -20.30 -6.01 -1.89
N LEU B 160 -19.04 -6.04 -2.30
CA LEU B 160 -18.71 -6.14 -3.71
C LEU B 160 -18.96 -7.54 -4.25
N PRO B 161 -19.23 -7.68 -5.54
CA PRO B 161 -19.33 -9.01 -6.15
C PRO B 161 -17.96 -9.65 -6.34
N LEU B 162 -17.98 -10.97 -6.50
CA LEU B 162 -16.75 -11.72 -6.65
C LEU B 162 -16.03 -11.40 -7.96
N SER B 163 -16.79 -11.06 -9.00
CA SER B 163 -16.18 -10.71 -10.28
C SER B 163 -15.33 -9.46 -10.19
N TYR B 164 -15.57 -8.60 -9.20
CA TYR B 164 -14.70 -7.43 -9.01
C TYR B 164 -13.30 -7.86 -8.61
N PHE B 165 -13.20 -8.78 -7.65
CA PHE B 165 -11.89 -9.27 -7.24
C PHE B 165 -11.27 -10.17 -8.29
N ASP B 166 -12.09 -10.92 -9.03
CA ASP B 166 -11.56 -11.81 -10.06
C ASP B 166 -10.94 -11.02 -11.21
N SER B 167 -11.50 -9.86 -11.54
CA SER B 167 -11.05 -9.09 -12.70
C SER B 167 -9.87 -8.18 -12.40
N ARG B 168 -9.34 -8.20 -11.17
CA ARG B 168 -8.25 -7.32 -10.77
C ARG B 168 -7.21 -8.13 -10.01
N GLN B 169 -6.03 -7.53 -9.86
CA GLN B 169 -4.99 -8.15 -9.05
C GLN B 169 -5.22 -7.84 -7.59
N ARG B 170 -4.84 -8.80 -6.73
CA ARG B 170 -5.08 -8.65 -5.30
C ARG B 170 -4.28 -7.49 -4.72
N GLY B 171 -3.05 -7.31 -5.18
CA GLY B 171 -2.23 -6.22 -4.67
C GLY B 171 -2.78 -4.85 -5.03
N GLU B 172 -3.34 -4.72 -6.23
CA GLU B 172 -3.92 -3.44 -6.63
C GLU B 172 -5.11 -3.07 -5.76
N VAL B 173 -5.99 -4.03 -5.51
CA VAL B 173 -7.14 -3.79 -4.63
C VAL B 173 -6.68 -3.49 -3.22
N LEU B 174 -5.66 -4.22 -2.74
CA LEU B 174 -5.15 -3.99 -1.40
C LEU B 174 -4.56 -2.59 -1.26
N SER B 175 -3.81 -2.14 -2.27
CA SER B 175 -3.26 -0.79 -2.23
C SER B 175 -4.36 0.26 -2.29
N ARG B 176 -5.38 0.04 -3.12
CA ARG B 176 -6.49 0.97 -3.16
C ARG B 176 -7.27 1.00 -1.85
N VAL B 177 -7.23 -0.09 -1.09
CA VAL B 177 -7.98 -0.18 0.15
C VAL B 177 -7.18 0.27 1.36
N THR B 178 -5.89 -0.04 1.40
CA THR B 178 -5.04 0.30 2.54
C THR B 178 -4.15 1.50 2.27
N ASN B 179 -3.38 1.48 1.19
CA ASN B 179 -2.40 2.54 0.96
C ASN B 179 -3.07 3.87 0.65
N ASP B 180 -4.14 3.86 -0.15
CA ASP B 180 -4.77 5.11 -0.54
C ASP B 180 -5.44 5.80 0.64
N VAL B 181 -6.05 5.03 1.53
CA VAL B 181 -6.68 5.61 2.72
C VAL B 181 -5.62 6.25 3.62
N ASP B 182 -4.49 5.57 3.81
CA ASP B 182 -3.40 6.13 4.59
C ASP B 182 -2.85 7.39 3.95
N ASN B 183 -2.75 7.41 2.62
CA ASN B 183 -2.28 8.59 1.91
C ASN B 183 -3.24 9.75 2.11
N ILE B 184 -4.55 9.49 2.05
CA ILE B 184 -5.54 10.53 2.30
C ILE B 184 -5.39 11.07 3.73
N GLN B 185 -5.23 10.17 4.69
CA GLN B 185 -5.03 10.59 6.08
C GLN B 185 -3.82 11.51 6.20
N ASN B 186 -2.69 11.10 5.63
CA ASN B 186 -1.47 11.88 5.76
C ASN B 186 -1.61 13.24 5.09
N SER B 187 -2.14 13.27 3.87
CA SER B 187 -2.27 14.52 3.15
C SER B 187 -3.21 15.47 3.89
N VAL B 188 -4.35 14.96 4.38
CA VAL B 188 -5.29 15.82 5.09
C VAL B 188 -4.65 16.36 6.36
N SER B 189 -4.07 15.48 7.18
CA SER B 189 -3.48 15.91 8.44
C SER B 189 -2.30 16.86 8.24
N MET B 190 -1.66 16.83 7.08
CA MET B 190 -0.55 17.75 6.83
C MET B 190 -0.95 19.00 6.06
N THR B 191 -2.18 19.08 5.53
CA THR B 191 -2.54 20.23 4.72
C THR B 191 -3.80 20.99 5.14
N ILE B 192 -4.71 20.40 5.92
CA ILE B 192 -6.04 21.01 6.07
C ILE B 192 -5.95 22.32 6.88
N SER B 193 -5.18 22.32 7.97
CA SER B 193 -5.05 23.52 8.79
C SER B 193 -4.34 24.63 8.03
N GLN B 194 -3.30 24.27 7.29
CA GLN B 194 -2.60 25.24 6.44
C GLN B 194 -3.57 25.83 5.42
N LEU B 195 -4.41 25.00 4.80
CA LEU B 195 -5.35 25.50 3.82
C LEU B 195 -6.31 26.50 4.44
N LEU B 196 -6.93 26.14 5.57
CA LEU B 196 -7.90 27.03 6.19
C LEU B 196 -7.25 28.35 6.61
N THR B 197 -6.11 28.27 7.29
CA THR B 197 -5.44 29.47 7.77
C THR B 197 -5.02 30.36 6.61
N SER B 198 -4.51 29.75 5.52
CA SER B 198 -4.08 30.54 4.38
C SER B 198 -5.24 31.26 3.72
N VAL B 199 -6.36 30.55 3.51
CA VAL B 199 -7.50 31.19 2.87
C VAL B 199 -8.02 32.34 3.72
N LEU B 200 -8.13 32.15 5.04
CA LEU B 200 -8.61 33.24 5.88
C LEU B 200 -7.62 34.41 5.91
N THR B 201 -6.32 34.09 6.00
CA THR B 201 -5.30 35.11 6.13
C THR B 201 -5.23 36.00 4.90
N VAL B 202 -5.41 35.41 3.71
CA VAL B 202 -5.32 36.21 2.49
C VAL B 202 -6.34 37.35 2.53
N PHE B 203 -7.59 37.04 2.84
CA PHE B 203 -8.63 38.07 2.84
C PHE B 203 -8.46 39.04 4.02
N ALA B 204 -8.08 38.54 5.20
CA ALA B 204 -7.90 39.45 6.33
C ALA B 204 -6.79 40.46 6.05
N VAL B 205 -5.66 39.97 5.52
CA VAL B 205 -4.55 40.85 5.20
C VAL B 205 -4.92 41.80 4.08
N LEU B 206 -5.67 41.32 3.08
CA LEU B 206 -6.11 42.22 2.02
C LEU B 206 -6.97 43.34 2.57
N VAL B 207 -7.85 43.03 3.53
CA VAL B 207 -8.68 44.05 4.14
C VAL B 207 -7.82 45.09 4.85
N MET B 208 -6.83 44.63 5.62
CA MET B 208 -6.01 45.59 6.37
C MET B 208 -5.14 46.43 5.43
N MET B 209 -4.63 45.83 4.35
CA MET B 209 -3.86 46.59 3.37
C MET B 209 -4.74 47.61 2.64
N LEU B 210 -6.01 47.26 2.39
CA LEU B 210 -6.95 48.24 1.87
C LEU B 210 -7.13 49.38 2.85
N THR B 211 -7.16 49.06 4.14
CA THR B 211 -7.27 50.09 5.18
C THR B 211 -6.07 51.04 5.14
N ILE B 212 -4.86 50.50 4.98
CA ILE B 212 -3.67 51.34 5.06
C ILE B 212 -3.55 52.23 3.81
N SER B 213 -3.45 51.62 2.63
CA SER B 213 -3.26 52.41 1.41
C SER B 213 -3.73 51.66 0.17
N PRO B 214 -4.66 52.24 -0.60
CA PRO B 214 -5.18 51.54 -1.78
C PRO B 214 -4.14 51.27 -2.86
N LEU B 215 -3.17 52.16 -3.06
CA LEU B 215 -2.23 52.00 -4.15
C LEU B 215 -1.31 50.80 -3.91
N LEU B 216 -0.74 50.71 -2.71
CA LEU B 216 0.15 49.61 -2.41
C LEU B 216 -0.60 48.29 -2.30
N THR B 217 -1.85 48.31 -1.84
CA THR B 217 -2.63 47.08 -1.84
C THR B 217 -3.00 46.65 -3.26
N LEU B 218 -3.17 47.60 -4.18
CA LEU B 218 -3.31 47.23 -5.59
C LEU B 218 -2.05 46.56 -6.12
N PHE B 219 -0.89 47.15 -5.79
CA PHE B 219 0.38 46.56 -6.21
C PHE B 219 0.53 45.14 -5.65
N THR B 220 0.10 44.94 -4.41
CA THR B 220 0.23 43.62 -3.80
C THR B 220 -0.74 42.61 -4.41
N VAL B 221 -1.99 43.03 -4.64
CA VAL B 221 -3.00 42.13 -5.19
C VAL B 221 -2.79 41.86 -6.67
N VAL B 222 -1.93 42.61 -7.34
CA VAL B 222 -1.58 42.30 -8.73
C VAL B 222 -0.97 40.90 -8.84
N THR B 223 -0.38 40.39 -7.76
CA THR B 223 0.24 39.07 -7.82
C THR B 223 -0.76 37.97 -8.14
N VAL B 224 -1.95 38.04 -7.54
CA VAL B 224 -2.90 36.92 -7.66
C VAL B 224 -3.21 36.59 -9.11
N PRO B 225 -3.51 37.55 -10.00
CA PRO B 225 -3.66 37.19 -11.41
C PRO B 225 -2.41 36.54 -12.01
N ALA B 226 -1.25 37.16 -11.83
CA ALA B 226 -0.02 36.61 -12.40
C ALA B 226 0.33 35.26 -11.78
N SER B 227 0.21 35.15 -10.45
CA SER B 227 0.50 33.89 -9.79
C SER B 227 -0.43 32.79 -10.26
N LEU B 228 -1.72 33.10 -10.40
CA LEU B 228 -2.67 32.09 -10.86
C LEU B 228 -2.39 31.70 -12.30
N TRP B 229 -1.99 32.66 -13.15
CA TRP B 229 -1.67 32.32 -14.53
C TRP B 229 -0.46 31.41 -14.62
N VAL B 230 0.60 31.73 -13.88
CA VAL B 230 1.80 30.89 -13.90
C VAL B 230 1.50 29.53 -13.30
N THR B 231 0.68 29.49 -12.25
CA THR B 231 0.28 28.21 -11.65
C THR B 231 -0.51 27.37 -12.66
N ARG B 232 -1.40 28.01 -13.42
CA ARG B 232 -2.16 27.29 -14.44
C ARG B 232 -1.23 26.71 -15.49
N TRP B 233 -0.26 27.50 -15.94
CA TRP B 233 0.69 27.01 -16.95
C TRP B 233 1.48 25.82 -16.41
N ILE B 234 2.00 25.93 -15.20
CA ILE B 234 2.81 24.87 -14.62
C ILE B 234 1.97 23.61 -14.39
N THR B 235 0.74 23.78 -13.91
CA THR B 235 -0.12 22.63 -13.66
C THR B 235 -0.55 21.96 -14.97
N ARG B 236 -0.77 22.75 -16.02
CA ARG B 236 -1.03 22.16 -17.33
C ARG B 236 0.16 21.36 -17.82
N ARG B 237 1.38 21.83 -17.56
CA ARG B 237 2.56 21.08 -17.95
C ARG B 237 2.84 19.89 -17.05
N SER B 238 2.32 19.88 -15.82
CA SER B 238 2.67 18.83 -14.87
C SER B 238 1.60 17.75 -14.69
N GLN B 239 0.34 18.03 -15.02
CA GLN B 239 -0.69 17.02 -14.86
C GLN B 239 -0.45 15.78 -15.73
N PRO B 240 -0.11 15.89 -17.02
CA PRO B 240 0.23 14.66 -17.77
C PRO B 240 1.40 13.91 -17.15
N LEU B 241 2.36 14.63 -16.57
CA LEU B 241 3.49 13.97 -15.92
C LEU B 241 3.04 13.18 -14.69
N PHE B 242 2.10 13.74 -13.91
CA PHE B 242 1.56 13.01 -12.78
C PHE B 242 0.78 11.78 -13.21
N VAL B 243 -0.01 11.91 -14.28
CA VAL B 243 -0.74 10.77 -14.81
C VAL B 243 0.21 9.67 -15.25
N ALA B 244 1.28 10.06 -15.95
CA ALA B 244 2.28 9.08 -16.38
C ALA B 244 2.97 8.45 -15.19
N GLN B 245 3.26 9.24 -14.16
CA GLN B 245 3.90 8.69 -12.97
C GLN B 245 3.04 7.63 -12.31
N TRP B 246 1.75 7.90 -12.15
CA TRP B 246 0.87 6.90 -11.55
C TRP B 246 0.69 5.68 -12.44
N ARG B 247 0.61 5.87 -13.77
CA ARG B 247 0.50 4.72 -14.66
C ARG B 247 1.73 3.84 -14.58
N ASN B 248 2.92 4.45 -14.57
CA ASN B 248 4.15 3.67 -14.50
C ASN B 248 4.30 3.00 -13.15
N THR B 249 3.87 3.67 -12.07
CA THR B 249 3.90 3.05 -10.76
C THR B 249 2.97 1.84 -10.71
N GLY B 250 1.78 1.95 -11.30
CA GLY B 250 0.88 0.83 -11.35
C GLY B 250 1.44 -0.34 -12.15
N ARG B 251 2.08 -0.05 -13.28
CA ARG B 251 2.71 -1.10 -14.07
C ARG B 251 3.83 -1.79 -13.28
N LEU B 252 4.66 -1.01 -12.59
CA LEU B 252 5.74 -1.59 -11.80
C LEU B 252 5.18 -2.45 -10.67
N ALA B 253 4.15 -1.97 -9.98
CA ALA B 253 3.55 -2.76 -8.91
C ALA B 253 2.91 -4.03 -9.43
N ALA B 254 2.27 -3.98 -10.60
CA ALA B 254 1.69 -5.17 -11.18
C ALA B 254 2.77 -6.20 -11.52
N HIS B 255 3.87 -5.75 -12.13
CA HIS B 255 4.96 -6.66 -12.43
C HIS B 255 5.55 -7.27 -11.18
N LEU B 256 5.75 -6.45 -10.14
CA LEU B 256 6.31 -6.96 -8.89
C LEU B 256 5.38 -7.98 -8.25
N GLU B 257 4.07 -7.72 -8.26
CA GLU B 257 3.12 -8.66 -7.69
C GLU B 257 3.12 -9.98 -8.45
N GLU B 258 3.15 -9.91 -9.78
CA GLU B 258 3.17 -11.14 -10.56
C GLU B 258 4.45 -11.92 -10.34
N THR B 259 5.58 -11.23 -10.21
CA THR B 259 6.85 -11.92 -9.97
C THR B 259 6.91 -12.54 -8.58
N TYR B 260 6.41 -11.83 -7.57
CA TYR B 260 6.49 -12.34 -6.20
C TYR B 260 5.50 -13.47 -5.96
N SER B 261 4.26 -13.32 -6.45
CA SER B 261 3.24 -14.33 -6.19
C SER B 261 3.59 -15.66 -6.83
N GLY B 262 4.08 -15.63 -8.07
CA GLY B 262 4.48 -16.84 -8.75
C GLY B 262 5.97 -17.02 -8.81
N PHE B 263 6.65 -16.70 -7.71
CA PHE B 263 8.11 -16.71 -7.70
C PHE B 263 8.68 -18.10 -7.95
N THR B 264 7.99 -19.15 -7.50
CA THR B 264 8.47 -20.50 -7.79
C THR B 264 8.42 -20.79 -9.29
N ILE B 265 7.33 -20.39 -9.96
CA ILE B 265 7.22 -20.63 -11.39
C ILE B 265 8.18 -19.74 -12.16
N VAL B 266 8.29 -18.47 -11.76
CA VAL B 266 9.22 -17.56 -12.42
C VAL B 266 10.64 -18.08 -12.29
N LYS B 267 11.01 -18.50 -11.09
CA LYS B 267 12.37 -18.94 -10.79
C LYS B 267 12.70 -20.25 -11.50
N THR B 268 11.83 -21.25 -11.36
CA THR B 268 12.09 -22.58 -11.90
C THR B 268 12.02 -22.63 -13.42
N PHE B 269 11.13 -21.87 -14.06
CA PHE B 269 11.00 -21.91 -15.51
C PHE B 269 12.01 -21.01 -16.21
N GLY B 270 13.02 -20.52 -15.50
CA GLY B 270 14.09 -19.77 -16.12
C GLY B 270 13.71 -18.39 -16.59
N HIS B 271 12.67 -17.80 -16.01
CA HIS B 271 12.21 -16.47 -16.39
C HIS B 271 12.61 -15.40 -15.38
N ARG B 272 13.62 -15.68 -14.56
CA ARG B 272 14.07 -14.69 -13.58
C ARG B 272 14.75 -13.52 -14.26
N GLU B 273 15.56 -13.77 -15.30
CA GLU B 273 16.24 -12.69 -15.99
C GLU B 273 15.27 -11.81 -16.76
N ALA B 274 14.25 -12.42 -17.37
CA ALA B 274 13.23 -11.63 -18.06
C ALA B 274 12.48 -10.74 -17.09
N ALA B 275 12.13 -11.27 -15.92
CA ALA B 275 11.46 -10.45 -14.91
C ALA B 275 12.37 -9.33 -14.41
N ALA B 276 13.66 -9.62 -14.26
CA ALA B 276 14.60 -8.59 -13.83
C ALA B 276 14.71 -7.48 -14.87
N GLY B 277 14.79 -7.83 -16.15
CA GLY B 277 14.86 -6.80 -17.19
C GLY B 277 13.59 -5.99 -17.28
N LYS B 278 12.43 -6.65 -17.18
CA LYS B 278 11.17 -5.92 -17.18
C LYS B 278 11.08 -4.97 -16.00
N PHE B 279 11.53 -5.42 -14.83
CA PHE B 279 11.54 -4.55 -13.65
C PHE B 279 12.48 -3.37 -13.87
N ALA B 280 13.64 -3.60 -14.50
CA ALA B 280 14.57 -2.51 -14.74
C ALA B 280 13.95 -1.45 -15.64
N GLU B 281 13.29 -1.89 -16.72
CA GLU B 281 12.67 -0.93 -17.64
C GLU B 281 11.52 -0.18 -16.96
N LEU B 282 10.69 -0.89 -16.17
CA LEU B 282 9.57 -0.23 -15.50
C LEU B 282 10.06 0.70 -14.41
N ASN B 283 11.13 0.33 -13.72
CA ASN B 283 11.71 1.18 -12.69
C ASN B 283 12.28 2.45 -13.31
N SER B 284 12.96 2.33 -14.44
CA SER B 284 13.47 3.52 -15.12
C SER B 284 12.35 4.43 -15.57
N GLU B 285 11.28 3.85 -16.12
CA GLU B 285 10.13 4.66 -16.54
C GLU B 285 9.50 5.37 -15.34
N THR B 286 9.32 4.65 -14.23
CA THR B 286 8.76 5.25 -13.03
C THR B 286 9.64 6.37 -12.51
N GLN B 287 10.96 6.17 -12.52
CA GLN B 287 11.87 7.21 -12.06
C GLN B 287 11.80 8.44 -12.93
N GLN B 288 11.78 8.27 -14.25
CA GLN B 288 11.72 9.42 -15.16
C GLN B 288 10.42 10.19 -14.96
N SER B 289 9.30 9.48 -14.90
CA SER B 289 8.01 10.15 -14.71
C SER B 289 7.95 10.84 -13.35
N SER B 290 8.46 10.18 -12.31
CA SER B 290 8.45 10.78 -10.98
C SER B 290 9.30 12.03 -10.93
N PHE B 291 10.48 12.00 -11.56
CA PHE B 291 11.33 13.18 -11.57
C PHE B 291 10.65 14.33 -12.30
N GLY B 292 10.07 14.06 -13.46
CA GLY B 292 9.40 15.13 -14.18
C GLY B 292 8.25 15.72 -13.39
N ALA B 293 7.41 14.86 -12.83
CA ALA B 293 6.27 15.34 -12.04
C ALA B 293 6.74 16.12 -10.83
N GLN B 294 7.75 15.62 -10.12
CA GLN B 294 8.24 16.29 -8.92
C GLN B 294 8.84 17.65 -9.26
N PHE B 295 9.63 17.72 -10.33
CA PHE B 295 10.24 18.99 -10.71
C PHE B 295 9.18 20.02 -11.07
N PHE B 296 8.21 19.63 -11.90
CA PHE B 296 7.20 20.60 -12.33
C PHE B 296 6.26 20.98 -11.18
N SER B 297 5.93 20.03 -10.31
CA SER B 297 5.11 20.35 -9.15
C SER B 297 5.83 21.27 -8.19
N GLY B 298 7.13 21.06 -8.00
CA GLY B 298 7.90 21.91 -7.13
C GLY B 298 8.27 23.26 -7.71
N LEU B 299 8.13 23.42 -9.03
CA LEU B 299 8.32 24.74 -9.64
C LEU B 299 7.29 25.75 -9.19
N VAL B 300 6.17 25.31 -8.62
CA VAL B 300 5.07 26.22 -8.31
C VAL B 300 5.47 27.19 -7.20
N SER B 301 6.10 26.68 -6.14
CA SER B 301 6.43 27.55 -5.01
C SER B 301 7.45 28.62 -5.36
N PRO B 302 8.57 28.34 -6.03
CA PRO B 302 9.48 29.43 -6.41
C PRO B 302 8.86 30.48 -7.30
N ALA B 303 7.96 30.13 -8.22
CA ALA B 303 7.35 31.13 -9.08
C ALA B 303 6.43 32.06 -8.29
N THR B 304 5.63 31.48 -7.37
CA THR B 304 4.79 32.29 -6.50
C THR B 304 5.65 33.21 -5.63
N MET B 305 6.74 32.68 -5.08
CA MET B 305 7.64 33.50 -4.28
C MET B 305 8.25 34.62 -5.11
N PHE B 306 8.59 34.34 -6.37
CA PHE B 306 9.20 35.35 -7.23
C PHE B 306 8.22 36.48 -7.51
N ILE B 307 6.97 36.15 -7.85
CA ILE B 307 5.99 37.19 -8.11
C ILE B 307 5.69 37.99 -6.84
N GLY B 308 5.58 37.30 -5.70
CA GLY B 308 5.39 38.00 -4.44
C GLY B 308 6.55 38.92 -4.10
N ASN B 309 7.77 38.51 -4.43
CA ASN B 309 8.93 39.35 -4.17
C ASN B 309 8.98 40.55 -5.11
N LEU B 310 8.54 40.37 -6.36
CA LEU B 310 8.43 41.52 -7.26
C LEU B 310 7.44 42.54 -6.70
N SER B 311 6.28 42.07 -6.23
CA SER B 311 5.33 42.98 -5.62
C SER B 311 5.88 43.60 -4.35
N TYR B 312 6.65 42.84 -3.58
CA TYR B 312 7.28 43.38 -2.38
C TYR B 312 8.25 44.50 -2.71
N VAL B 313 9.05 44.32 -3.76
CA VAL B 313 9.98 45.36 -4.17
C VAL B 313 9.22 46.61 -4.60
N ALA B 314 8.17 46.42 -5.41
CA ALA B 314 7.39 47.57 -5.86
C ALA B 314 6.76 48.31 -4.68
N VAL B 315 6.19 47.54 -3.74
CA VAL B 315 5.55 48.14 -2.58
C VAL B 315 6.57 48.87 -1.73
N ALA B 316 7.74 48.27 -1.51
CA ALA B 316 8.77 48.91 -0.69
C ALA B 316 9.24 50.21 -1.32
N VAL B 317 9.48 50.21 -2.64
CA VAL B 317 9.97 51.41 -3.29
C VAL B 317 8.92 52.52 -3.24
N VAL B 318 7.68 52.19 -3.63
CA VAL B 318 6.65 53.22 -3.67
C VAL B 318 6.32 53.71 -2.27
N GLY B 319 6.31 52.81 -1.29
CA GLY B 319 6.06 53.23 0.08
C GLY B 319 7.16 54.12 0.64
N GLY B 320 8.42 53.79 0.35
CA GLY B 320 9.51 54.67 0.75
C GLY B 320 9.41 56.04 0.09
N LEU B 321 9.07 56.07 -1.19
CA LEU B 321 8.89 57.35 -1.87
C LEU B 321 7.75 58.15 -1.25
N GLN B 322 6.66 57.48 -0.89
CA GLN B 322 5.51 58.18 -0.32
C GLN B 322 5.81 58.68 1.10
N VAL B 323 6.51 57.87 1.90
CA VAL B 323 6.86 58.30 3.25
C VAL B 323 7.83 59.46 3.21
N ALA B 324 8.82 59.40 2.32
CA ALA B 324 9.73 60.53 2.16
C ALA B 324 8.99 61.79 1.73
N THR B 325 7.91 61.64 0.96
CA THR B 325 7.07 62.77 0.59
C THR B 325 6.09 63.18 1.68
N GLY B 326 5.77 62.26 2.60
CA GLY B 326 4.88 62.56 3.70
C GLY B 326 3.46 62.05 3.54
N GLN B 327 3.15 61.32 2.48
CA GLN B 327 1.80 60.82 2.28
C GLN B 327 1.46 59.66 3.21
N ILE B 328 2.46 58.86 3.58
CA ILE B 328 2.27 57.71 4.45
C ILE B 328 3.26 57.81 5.59
N THR B 329 2.84 57.42 6.80
CA THR B 329 3.75 57.44 7.93
C THR B 329 4.65 56.20 7.92
N LEU B 330 5.75 56.29 8.65
CA LEU B 330 6.71 55.19 8.70
C LEU B 330 6.13 53.97 9.38
N GLY B 331 5.37 54.17 10.46
CA GLY B 331 4.72 53.03 11.10
C GLY B 331 3.71 52.35 10.21
N SER B 332 2.97 53.14 9.42
CA SER B 332 2.04 52.54 8.47
C SER B 332 2.78 51.72 7.42
N ILE B 333 3.93 52.21 6.97
CA ILE B 333 4.69 51.44 5.98
C ILE B 333 5.26 50.17 6.62
N GLN B 334 5.65 50.23 7.89
CA GLN B 334 6.11 49.02 8.58
C GLN B 334 4.99 47.99 8.67
N ALA B 335 3.79 48.43 9.05
CA ALA B 335 2.64 47.53 9.10
C ALA B 335 2.33 46.97 7.73
N PHE B 336 2.43 47.80 6.68
CA PHE B 336 2.14 47.32 5.33
C PHE B 336 3.17 46.31 4.85
N ILE B 337 4.44 46.50 5.19
CA ILE B 337 5.46 45.51 4.82
C ILE B 337 5.19 44.19 5.54
N GLN B 338 4.82 44.26 6.82
CA GLN B 338 4.44 43.06 7.54
C GLN B 338 3.25 42.37 6.87
N TYR B 339 2.26 43.15 6.44
CA TYR B 339 1.09 42.57 5.80
C TYR B 339 1.42 41.99 4.43
N VAL B 340 2.34 42.61 3.69
CA VAL B 340 2.77 42.03 2.41
C VAL B 340 3.42 40.67 2.64
N ARG B 341 4.28 40.57 3.67
CA ARG B 341 4.88 39.28 3.98
C ARG B 341 3.82 38.26 4.40
N GLN B 342 2.87 38.67 5.24
CA GLN B 342 1.81 37.77 5.71
C GLN B 342 0.77 37.46 4.64
N PHE B 343 0.76 38.20 3.54
CA PHE B 343 -0.08 37.91 2.38
C PHE B 343 0.62 36.96 1.43
N ASN B 344 1.93 37.13 1.26
CA ASN B 344 2.68 36.25 0.37
C ASN B 344 2.92 34.88 0.97
N GLN B 345 3.04 34.79 2.30
CA GLN B 345 3.33 33.50 2.93
C GLN B 345 2.25 32.44 2.69
N PRO B 346 0.95 32.73 2.82
CA PRO B 346 -0.05 31.68 2.56
C PRO B 346 0.00 31.12 1.15
N LEU B 347 0.22 31.98 0.15
CA LEU B 347 0.31 31.50 -1.22
C LEU B 347 1.50 30.57 -1.41
N THR B 348 2.65 30.94 -0.84
CA THR B 348 3.84 30.11 -0.96
C THR B 348 3.65 28.78 -0.22
N GLN B 349 2.98 28.80 0.93
CA GLN B 349 2.73 27.56 1.66
C GLN B 349 1.82 26.63 0.85
N VAL B 350 0.75 27.18 0.28
CA VAL B 350 -0.16 26.38 -0.54
C VAL B 350 0.58 25.82 -1.75
N ALA B 351 1.41 26.64 -2.39
CA ALA B 351 2.17 26.16 -3.55
C ALA B 351 3.14 25.05 -3.15
N GLY B 352 3.79 25.19 -1.99
CA GLY B 352 4.72 24.15 -1.55
C GLY B 352 4.04 22.84 -1.22
N MET B 353 2.84 22.91 -0.64
CA MET B 353 2.09 21.71 -0.30
C MET B 353 1.16 21.24 -1.41
N TYR B 354 1.21 21.88 -2.58
CA TYR B 354 0.47 21.44 -3.76
C TYR B 354 0.76 19.97 -4.11
N ASN B 355 2.01 19.53 -3.97
CA ASN B 355 2.34 18.15 -4.33
C ASN B 355 1.64 17.16 -3.40
N THR B 356 1.66 17.44 -2.10
CA THR B 356 0.96 16.59 -1.14
C THR B 356 -0.54 16.61 -1.41
N LEU B 357 -1.09 17.79 -1.70
CA LEU B 357 -2.52 17.88 -2.02
C LEU B 357 -2.85 17.07 -3.26
N GLN B 358 -1.98 17.11 -4.27
CA GLN B 358 -2.22 16.42 -5.52
C GLN B 358 -2.20 14.90 -5.32
N SER B 359 -1.23 14.41 -4.54
CA SER B 359 -1.20 13.00 -4.20
C SER B 359 -2.44 12.58 -3.42
N GLY B 360 -2.84 13.39 -2.43
CA GLY B 360 -4.03 13.07 -1.66
C GLY B 360 -5.29 13.06 -2.50
N ILE B 361 -5.40 13.99 -3.45
CA ILE B 361 -6.57 14.04 -4.31
C ILE B 361 -6.59 12.84 -5.24
N ALA B 362 -5.43 12.41 -5.74
CA ALA B 362 -5.39 11.18 -6.54
C ALA B 362 -5.84 9.97 -5.72
N SER B 363 -5.35 9.87 -4.48
CA SER B 363 -5.77 8.77 -3.63
C SER B 363 -7.26 8.82 -3.34
N ALA B 364 -7.81 10.02 -3.13
CA ALA B 364 -9.24 10.16 -2.91
C ALA B 364 -10.02 9.76 -4.15
N GLU B 365 -9.51 10.09 -5.34
CA GLU B 365 -10.14 9.67 -6.58
C GLU B 365 -10.21 8.14 -6.66
N ARG B 366 -9.10 7.47 -6.34
CA ARG B 366 -9.10 6.02 -6.40
C ARG B 366 -10.05 5.41 -5.37
N VAL B 367 -10.06 5.95 -4.15
CA VAL B 367 -10.92 5.42 -3.10
C VAL B 367 -12.38 5.62 -3.47
N PHE B 368 -12.74 6.80 -3.98
CA PHE B 368 -14.12 7.04 -4.37
C PHE B 368 -14.52 6.21 -5.58
N ASP B 369 -13.56 5.92 -6.48
CA ASP B 369 -13.85 5.00 -7.56
C ASP B 369 -14.19 3.62 -7.03
N LEU B 370 -13.43 3.15 -6.04
CA LEU B 370 -13.75 1.86 -5.42
C LEU B 370 -15.10 1.91 -4.72
N LEU B 371 -15.41 3.02 -4.05
CA LEU B 371 -16.66 3.14 -3.31
C LEU B 371 -17.87 3.32 -4.24
N ASP B 372 -17.66 3.74 -5.47
CA ASP B 372 -18.75 3.92 -6.43
C ASP B 372 -19.00 2.69 -7.29
N THR B 373 -18.26 1.61 -7.09
CA THR B 373 -18.46 0.39 -7.87
C THR B 373 -19.82 -0.20 -7.56
N GLU B 374 -20.44 -0.81 -8.58
CA GLU B 374 -21.71 -1.50 -8.38
C GLU B 374 -21.53 -2.69 -7.47
N GLU B 375 -22.53 -2.92 -6.62
CA GLU B 375 -22.49 -4.00 -5.64
C GLU B 375 -23.30 -5.20 -6.15
N GLU B 376 -23.37 -6.24 -5.31
CA GLU B 376 -24.02 -7.48 -5.69
C GLU B 376 -25.49 -7.28 -6.00
N SER B 377 -26.27 -6.94 -4.97
CA SER B 377 -27.72 -6.75 -5.06
C SER B 377 -28.20 -6.33 -3.68
N ALA B 378 -29.46 -5.91 -3.62
CA ALA B 378 -30.08 -5.56 -2.36
C ALA B 378 -30.31 -6.84 -1.56
N ASP B 379 -29.50 -7.04 -0.51
CA ASP B 379 -29.60 -8.26 0.29
C ASP B 379 -30.89 -8.24 1.09
N SER B 380 -31.68 -9.30 0.97
CA SER B 380 -32.94 -9.38 1.68
C SER B 380 -32.71 -9.48 3.18
N PRO B 381 -33.60 -8.91 3.99
CA PRO B 381 -33.44 -9.00 5.45
C PRO B 381 -33.93 -10.31 6.05
N ARG B 382 -34.58 -11.17 5.27
CA ARG B 382 -35.12 -12.41 5.80
C ARG B 382 -34.01 -13.34 6.26
N ARG B 383 -34.22 -13.99 7.40
CA ARG B 383 -33.25 -14.94 7.92
C ARG B 383 -33.52 -16.32 7.35
N ALA B 384 -32.45 -17.01 6.95
CA ALA B 384 -32.59 -18.35 6.41
C ALA B 384 -32.99 -19.34 7.51
N ASP B 385 -33.85 -20.28 7.15
CA ASP B 385 -34.29 -21.30 8.09
C ASP B 385 -34.54 -22.58 7.30
N VAL B 386 -33.61 -23.52 7.35
CA VAL B 386 -33.76 -24.81 6.67
C VAL B 386 -34.52 -25.72 7.64
N ARG B 387 -35.78 -25.99 7.31
CA ARG B 387 -36.62 -26.80 8.19
C ARG B 387 -36.27 -28.27 8.08
N THR B 388 -36.04 -28.77 6.87
CA THR B 388 -35.72 -30.17 6.63
C THR B 388 -34.42 -30.37 5.89
N GLY B 389 -34.11 -29.52 4.90
CA GLY B 389 -32.89 -29.64 4.14
C GLY B 389 -33.07 -30.00 2.68
N ARG B 390 -34.29 -30.01 2.16
CA ARG B 390 -34.51 -30.34 0.75
C ARG B 390 -34.04 -29.20 -0.14
N VAL B 391 -33.28 -29.54 -1.17
CA VAL B 391 -32.73 -28.57 -2.11
C VAL B 391 -33.23 -28.94 -3.51
N GLU B 392 -33.70 -27.93 -4.25
CA GLU B 392 -34.24 -28.16 -5.58
C GLU B 392 -33.77 -27.05 -6.52
N PHE B 393 -33.42 -27.44 -7.74
CA PHE B 393 -33.11 -26.52 -8.83
C PHE B 393 -34.23 -26.57 -9.85
N GLU B 394 -34.65 -25.40 -10.34
CA GLU B 394 -35.74 -25.30 -11.31
C GLU B 394 -35.26 -24.50 -12.52
N HIS B 395 -34.83 -25.22 -13.56
CA HIS B 395 -34.43 -24.62 -14.83
C HIS B 395 -33.38 -23.53 -14.63
N VAL B 396 -32.41 -23.81 -13.76
CA VAL B 396 -31.40 -22.81 -13.43
C VAL B 396 -30.42 -22.67 -14.58
N SER B 397 -30.25 -21.44 -15.05
CA SER B 397 -29.28 -21.11 -16.08
C SER B 397 -28.37 -20.00 -15.57
N PHE B 398 -27.07 -20.17 -15.76
CA PHE B 398 -26.10 -19.19 -15.30
C PHE B 398 -24.96 -19.13 -16.29
N SER B 399 -24.31 -17.96 -16.35
CA SER B 399 -23.17 -17.78 -17.25
C SER B 399 -22.33 -16.62 -16.76
N TYR B 400 -21.06 -16.89 -16.49
CA TYR B 400 -20.09 -15.80 -16.35
C TYR B 400 -19.88 -15.14 -17.70
N VAL B 401 -19.48 -13.87 -17.67
CA VAL B 401 -19.16 -13.09 -18.88
C VAL B 401 -20.23 -13.32 -19.95
N PRO B 402 -21.40 -12.68 -19.80
CA PRO B 402 -22.59 -13.08 -20.58
C PRO B 402 -22.30 -13.19 -22.07
N GLY B 403 -22.84 -14.25 -22.67
CA GLY B 403 -22.48 -14.68 -24.01
C GLY B 403 -21.80 -16.03 -24.05
N THR B 404 -21.36 -16.55 -22.91
CA THR B 404 -20.74 -17.87 -22.81
C THR B 404 -21.45 -18.64 -21.71
N PRO B 405 -22.56 -19.31 -22.04
CA PRO B 405 -23.28 -20.08 -21.02
C PRO B 405 -22.42 -21.20 -20.45
N VAL B 406 -22.56 -21.43 -19.14
CA VAL B 406 -21.83 -22.50 -18.47
C VAL B 406 -22.82 -23.48 -17.88
N ILE B 407 -24.03 -23.00 -17.56
CA ILE B 407 -25.11 -23.83 -17.04
C ILE B 407 -26.40 -23.35 -17.68
N GLU B 408 -27.20 -24.29 -18.19
CA GLU B 408 -28.45 -23.93 -18.85
C GLU B 408 -29.47 -25.05 -18.67
N ASP B 409 -30.70 -24.66 -18.32
CA ASP B 409 -31.85 -25.57 -18.21
C ASP B 409 -31.53 -26.75 -17.30
N LEU B 410 -30.93 -26.46 -16.15
CA LEU B 410 -30.53 -27.49 -15.20
C LEU B 410 -31.54 -27.59 -14.06
N SER B 411 -31.86 -28.82 -13.67
CA SER B 411 -32.80 -29.08 -12.60
C SER B 411 -32.38 -30.32 -11.84
N LEU B 412 -32.54 -30.29 -10.51
CA LEU B 412 -32.34 -31.47 -9.68
C LEU B 412 -33.20 -31.36 -8.44
N VAL B 413 -33.42 -32.51 -7.80
CA VAL B 413 -34.12 -32.59 -6.53
C VAL B 413 -33.22 -33.32 -5.54
N ALA B 414 -33.01 -32.71 -4.37
CA ALA B 414 -32.20 -33.30 -3.31
C ALA B 414 -33.07 -33.53 -2.10
N GLU B 415 -33.16 -34.79 -1.66
CA GLU B 415 -33.95 -35.12 -0.49
C GLU B 415 -33.26 -34.58 0.77
N PRO B 416 -34.03 -34.31 1.84
CA PRO B 416 -33.43 -33.68 3.02
C PRO B 416 -32.32 -34.49 3.68
N GLY B 417 -32.29 -35.81 3.49
CA GLY B 417 -31.22 -36.60 4.05
C GLY B 417 -30.34 -37.23 3.00
N SER B 418 -30.65 -36.98 1.73
CA SER B 418 -29.95 -37.62 0.64
C SER B 418 -28.54 -37.03 0.48
N THR B 419 -27.62 -37.90 0.08
CA THR B 419 -26.25 -37.49 -0.26
C THR B 419 -26.17 -37.41 -1.79
N VAL B 420 -26.09 -36.20 -2.32
CA VAL B 420 -26.07 -35.98 -3.76
C VAL B 420 -24.62 -35.94 -4.21
N ALA B 421 -24.26 -36.85 -5.10
CA ALA B 421 -22.92 -36.90 -5.66
C ALA B 421 -22.93 -36.25 -7.05
N ILE B 422 -21.98 -35.36 -7.29
CA ILE B 422 -21.85 -34.68 -8.57
C ILE B 422 -20.54 -35.13 -9.22
N VAL B 423 -20.65 -35.81 -10.36
CA VAL B 423 -19.49 -36.29 -11.11
C VAL B 423 -19.62 -35.82 -12.54
N GLY B 424 -18.50 -35.81 -13.25
CA GLY B 424 -18.49 -35.42 -14.64
C GLY B 424 -17.13 -34.95 -15.10
N PRO B 425 -17.06 -34.48 -16.34
CA PRO B 425 -15.78 -34.02 -16.90
C PRO B 425 -15.17 -32.85 -16.14
N THR B 426 -13.97 -32.45 -16.56
CA THR B 426 -13.16 -31.49 -15.85
C THR B 426 -13.74 -30.09 -15.82
N GLY B 427 -14.44 -29.65 -16.85
CA GLY B 427 -14.99 -28.31 -16.85
C GLY B 427 -16.50 -28.30 -16.98
N ALA B 428 -17.15 -29.32 -16.43
CA ALA B 428 -18.59 -29.49 -16.63
C ALA B 428 -19.38 -28.35 -16.00
N GLY B 429 -19.03 -27.94 -14.79
CA GLY B 429 -19.81 -26.95 -14.07
C GLY B 429 -20.18 -27.39 -12.68
N LYS B 430 -19.46 -28.38 -12.15
CA LYS B 430 -19.74 -28.90 -10.82
C LYS B 430 -19.49 -27.87 -9.73
N THR B 431 -18.39 -27.12 -9.83
CA THR B 431 -18.15 -26.05 -8.86
C THR B 431 -19.13 -24.90 -9.04
N THR B 432 -19.48 -24.59 -10.28
CA THR B 432 -20.45 -23.52 -10.54
C THR B 432 -21.80 -23.83 -9.91
N LEU B 433 -22.20 -25.11 -9.89
CA LEU B 433 -23.49 -25.49 -9.33
C LEU B 433 -23.55 -25.17 -7.84
N VAL B 434 -22.53 -25.59 -7.09
CA VAL B 434 -22.53 -25.32 -5.66
C VAL B 434 -22.22 -23.86 -5.35
N ASN B 435 -21.58 -23.14 -6.27
CA ASN B 435 -21.44 -21.70 -6.09
C ASN B 435 -22.77 -20.99 -6.29
N LEU B 436 -23.62 -21.49 -7.19
CA LEU B 436 -24.98 -20.96 -7.31
C LEU B 436 -25.82 -21.32 -6.10
N LEU B 437 -25.63 -22.53 -5.56
CA LEU B 437 -26.34 -22.94 -4.35
C LEU B 437 -25.97 -22.05 -3.17
N MET B 438 -24.69 -21.70 -3.04
CA MET B 438 -24.25 -20.79 -2.00
C MET B 438 -24.51 -19.34 -2.35
N ARG B 439 -25.03 -19.08 -3.55
CA ARG B 439 -25.32 -17.73 -4.04
C ARG B 439 -24.06 -16.86 -4.05
N PHE B 440 -22.93 -17.47 -4.37
CA PHE B 440 -21.73 -16.69 -4.66
C PHE B 440 -21.92 -15.83 -5.91
N TYR B 441 -22.72 -16.32 -6.87
CA TYR B 441 -23.09 -15.59 -8.06
C TYR B 441 -24.60 -15.66 -8.20
N ASP B 442 -25.16 -14.68 -8.91
CA ASP B 442 -26.60 -14.59 -9.11
C ASP B 442 -27.01 -15.41 -10.33
N VAL B 443 -28.12 -16.14 -10.18
CA VAL B 443 -28.60 -17.00 -11.27
C VAL B 443 -29.19 -16.14 -12.37
N ASP B 444 -28.79 -16.41 -13.62
CA ASP B 444 -29.30 -15.65 -14.75
C ASP B 444 -30.77 -15.93 -15.00
N SER B 445 -31.15 -17.21 -15.01
CA SER B 445 -32.54 -17.60 -15.26
C SER B 445 -32.87 -18.83 -14.42
N GLY B 446 -34.09 -18.87 -13.92
CA GLY B 446 -34.49 -19.92 -13.01
C GLY B 446 -34.31 -19.50 -11.56
N ARG B 447 -34.54 -20.45 -10.67
CA ARG B 447 -34.41 -20.18 -9.25
C ARG B 447 -34.00 -21.44 -8.51
N ILE B 448 -33.39 -21.24 -7.34
CA ILE B 448 -32.95 -22.32 -6.46
C ILE B 448 -33.69 -22.18 -5.15
N THR B 449 -34.31 -23.27 -4.71
CA THR B 449 -35.10 -23.28 -3.48
C THR B 449 -34.52 -24.30 -2.50
N ILE B 450 -34.47 -23.92 -1.23
CA ILE B 450 -34.13 -24.82 -0.14
C ILE B 450 -35.33 -24.90 0.78
N ASP B 451 -35.90 -26.10 0.91
CA ASP B 451 -37.12 -26.33 1.70
C ASP B 451 -38.28 -25.45 1.23
N GLY B 452 -38.35 -25.20 -0.08
CA GLY B 452 -39.45 -24.47 -0.66
C GLY B 452 -39.29 -22.97 -0.69
N VAL B 453 -38.23 -22.42 -0.09
CA VAL B 453 -38.00 -20.98 -0.07
C VAL B 453 -36.86 -20.65 -1.01
N ASP B 454 -37.02 -19.59 -1.79
CA ASP B 454 -36.00 -19.20 -2.74
C ASP B 454 -34.80 -18.62 -2.02
N ILE B 455 -33.60 -19.02 -2.45
CA ILE B 455 -32.38 -18.52 -1.83
C ILE B 455 -32.06 -17.10 -2.25
N ALA B 456 -32.71 -16.60 -3.30
CA ALA B 456 -32.52 -15.22 -3.73
C ALA B 456 -33.36 -14.23 -2.94
N SER B 457 -34.30 -14.71 -2.14
CA SER B 457 -35.19 -13.86 -1.35
C SER B 457 -34.87 -13.97 0.14
N VAL B 458 -33.62 -14.32 0.46
CA VAL B 458 -33.19 -14.49 1.84
C VAL B 458 -31.82 -13.83 1.97
N SER B 459 -31.44 -13.53 3.21
CA SER B 459 -30.14 -12.90 3.45
C SER B 459 -29.01 -13.84 3.04
N ARG B 460 -28.01 -13.29 2.38
CA ARG B 460 -26.86 -14.09 1.95
C ARG B 460 -26.09 -14.62 3.16
N GLU B 461 -25.98 -13.82 4.21
CA GLU B 461 -25.20 -14.22 5.38
C GLU B 461 -25.82 -15.46 6.04
N SER B 462 -27.13 -15.43 6.28
CA SER B 462 -27.79 -16.55 6.92
C SER B 462 -27.75 -17.80 6.04
N LEU B 463 -27.97 -17.63 4.74
CA LEU B 463 -27.91 -18.77 3.82
C LEU B 463 -26.53 -19.40 3.82
N ARG B 464 -25.48 -18.58 3.78
CA ARG B 464 -24.13 -19.12 3.74
C ARG B 464 -23.70 -19.69 5.08
N ALA B 465 -24.25 -19.19 6.19
CA ALA B 465 -23.98 -19.79 7.49
C ALA B 465 -24.73 -21.10 7.65
N SER B 466 -25.85 -21.27 6.96
CA SER B 466 -26.60 -22.52 7.03
C SER B 466 -25.86 -23.66 6.36
N ILE B 467 -25.09 -23.37 5.31
CA ILE B 467 -24.40 -24.38 4.52
C ILE B 467 -22.91 -24.33 4.85
N GLY B 468 -22.36 -25.48 5.24
CA GLY B 468 -20.94 -25.60 5.52
C GLY B 468 -20.23 -26.22 4.33
N MET B 469 -19.27 -25.47 3.79
CA MET B 469 -18.65 -25.81 2.53
C MET B 469 -17.16 -26.03 2.71
N VAL B 470 -16.64 -27.11 2.14
CA VAL B 470 -15.21 -27.31 1.97
C VAL B 470 -14.85 -26.81 0.58
N LEU B 471 -14.14 -25.69 0.52
CA LEU B 471 -13.81 -25.07 -0.75
C LEU B 471 -12.85 -25.95 -1.54
N GLN B 472 -12.97 -25.90 -2.86
CA GLN B 472 -12.04 -26.64 -3.72
C GLN B 472 -10.63 -26.09 -3.58
N ASP B 473 -10.49 -24.77 -3.47
CA ASP B 473 -9.20 -24.13 -3.24
C ASP B 473 -9.05 -23.91 -1.74
N THR B 474 -8.20 -24.73 -1.11
CA THR B 474 -8.00 -24.61 0.33
C THR B 474 -7.31 -23.30 0.68
N TRP B 475 -7.72 -22.69 1.78
CA TRP B 475 -7.18 -21.43 2.22
C TRP B 475 -7.09 -21.40 3.74
N LEU B 476 -5.95 -20.92 4.24
CA LEU B 476 -5.73 -20.73 5.67
C LEU B 476 -5.17 -19.34 5.91
N PHE B 477 -5.58 -18.73 7.01
CA PHE B 477 -5.06 -17.41 7.36
C PHE B 477 -3.85 -17.53 8.26
N ALA B 478 -3.08 -16.44 8.32
CA ALA B 478 -1.89 -16.39 9.16
C ALA B 478 -2.27 -16.55 10.63
N GLY B 479 -1.88 -17.67 11.22
CA GLY B 479 -2.24 -17.95 12.59
C GLY B 479 -1.95 -19.39 12.94
N THR B 480 -2.38 -19.78 14.12
CA THR B 480 -2.17 -21.15 14.58
C THR B 480 -3.16 -22.10 13.92
N ILE B 481 -2.82 -23.39 13.97
CA ILE B 481 -3.72 -24.42 13.47
C ILE B 481 -5.04 -24.38 14.24
N TYR B 482 -4.97 -24.16 15.55
CA TYR B 482 -6.17 -24.05 16.37
C TYR B 482 -7.07 -22.92 15.88
N ASP B 483 -6.49 -21.75 15.61
CA ASP B 483 -7.28 -20.62 15.14
C ASP B 483 -7.92 -20.93 13.79
N ASN B 484 -7.17 -21.58 12.90
CA ASN B 484 -7.71 -21.92 11.59
C ASN B 484 -8.87 -22.91 11.70
N ILE B 485 -8.77 -23.90 12.58
CA ILE B 485 -9.87 -24.85 12.74
C ILE B 485 -11.07 -24.18 13.40
N ALA B 486 -10.83 -23.36 14.42
CA ALA B 486 -11.91 -22.67 15.11
C ALA B 486 -12.53 -21.55 14.29
N TYR B 487 -11.90 -21.19 13.16
CA TYR B 487 -12.49 -20.22 12.25
C TYR B 487 -13.89 -20.61 11.81
N GLY B 488 -14.18 -21.92 11.77
CA GLY B 488 -15.52 -22.36 11.43
C GLY B 488 -16.56 -21.95 12.44
N ARG B 489 -16.21 -22.00 13.72
CA ARG B 489 -17.12 -21.60 14.80
C ARG B 489 -16.28 -21.10 15.96
N PRO B 490 -15.97 -19.80 15.99
CA PRO B 490 -15.04 -19.29 17.01
C PRO B 490 -15.54 -19.40 18.44
N ASP B 491 -16.85 -19.52 18.65
CA ASP B 491 -17.38 -19.60 20.00
C ASP B 491 -17.34 -21.01 20.58
N ALA B 492 -16.89 -21.99 19.82
CA ALA B 492 -16.81 -23.36 20.31
C ALA B 492 -15.70 -23.48 21.37
N ASP B 493 -15.92 -24.39 22.31
CA ASP B 493 -14.95 -24.60 23.37
C ASP B 493 -13.81 -25.50 22.89
N GLU B 494 -12.85 -25.76 23.79
CA GLU B 494 -11.67 -26.53 23.41
C GLU B 494 -12.02 -27.96 23.04
N ASP B 495 -12.97 -28.57 23.77
CA ASP B 495 -13.32 -29.96 23.50
C ASP B 495 -13.92 -30.11 22.10
N GLU B 496 -14.77 -29.17 21.69
CA GLU B 496 -15.37 -29.25 20.37
C GLU B 496 -14.32 -29.10 19.26
N VAL B 497 -13.39 -28.16 19.42
CA VAL B 497 -12.35 -27.98 18.41
C VAL B 497 -11.46 -29.21 18.34
N ILE B 498 -11.10 -29.78 19.49
CA ILE B 498 -10.26 -30.97 19.51
C ILE B 498 -10.99 -32.15 18.87
N GLU B 499 -12.30 -32.27 19.14
CA GLU B 499 -13.07 -33.36 18.53
C GLU B 499 -13.18 -33.19 17.03
N ALA B 500 -13.39 -31.96 16.56
CA ALA B 500 -13.44 -31.72 15.12
C ALA B 500 -12.10 -32.03 14.47
N ALA B 501 -10.99 -31.65 15.12
CA ALA B 501 -9.68 -31.97 14.58
C ALA B 501 -9.43 -33.47 14.53
N THR B 502 -9.83 -34.18 15.59
CA THR B 502 -9.63 -35.62 15.65
C THR B 502 -10.48 -36.35 14.61
N ALA B 503 -11.72 -35.91 14.43
CA ALA B 503 -12.60 -36.57 13.46
C ALA B 503 -12.06 -36.44 12.04
N ALA B 504 -11.53 -35.27 11.69
CA ALA B 504 -10.90 -35.06 10.39
C ALA B 504 -9.47 -35.53 10.35
N TYR B 505 -8.99 -36.15 11.43
CA TYR B 505 -7.63 -36.67 11.52
C TYR B 505 -6.58 -35.56 11.42
N VAL B 506 -6.98 -34.34 11.78
CA VAL B 506 -6.00 -33.28 11.99
C VAL B 506 -5.17 -33.56 13.23
N ASP B 507 -5.81 -34.12 14.26
CA ASP B 507 -5.11 -34.39 15.52
C ASP B 507 -3.96 -35.38 15.33
N ARG B 508 -4.11 -36.32 14.39
CA ARG B 508 -3.09 -37.35 14.20
C ARG B 508 -1.75 -36.74 13.79
N PHE B 509 -1.77 -35.78 12.87
CA PHE B 509 -0.52 -35.12 12.49
C PHE B 509 -0.21 -33.91 13.35
N VAL B 510 -1.18 -33.38 14.09
CA VAL B 510 -0.91 -32.29 15.01
C VAL B 510 -0.11 -32.79 16.21
N HIS B 511 -0.42 -33.99 16.70
CA HIS B 511 0.31 -34.55 17.83
C HIS B 511 1.79 -34.73 17.51
N THR B 512 2.12 -34.99 16.25
CA THR B 512 3.53 -35.15 15.87
C THR B 512 4.29 -33.85 16.04
N LEU B 513 3.69 -32.73 15.67
CA LEU B 513 4.39 -31.46 15.71
C LEU B 513 4.71 -31.07 17.16
N PRO B 514 5.86 -30.42 17.39
CA PRO B 514 6.20 -30.01 18.77
C PRO B 514 5.34 -28.87 19.31
N ASN B 515 4.51 -28.24 18.49
CA ASN B 515 3.66 -27.15 18.93
C ASN B 515 2.20 -27.45 18.60
N GLY B 516 1.73 -28.65 18.95
CA GLY B 516 0.40 -29.10 18.64
C GLY B 516 -0.70 -28.08 18.87
N TYR B 517 -1.39 -27.71 17.79
CA TYR B 517 -2.49 -26.75 17.76
C TYR B 517 -1.99 -25.33 17.97
N ASP B 518 -0.70 -25.17 18.28
CA ASP B 518 -0.10 -23.87 18.49
C ASP B 518 0.89 -23.50 17.41
N THR B 519 1.28 -24.44 16.56
CA THR B 519 2.15 -24.12 15.42
C THR B 519 1.40 -23.23 14.44
N ARG B 520 2.11 -22.22 13.92
CA ARG B 520 1.51 -21.23 13.05
C ARG B 520 1.55 -21.69 11.60
N VAL B 521 0.43 -21.58 10.91
CA VAL B 521 0.32 -21.95 9.51
C VAL B 521 -0.16 -20.74 8.72
N ASP B 522 -0.08 -20.85 7.41
CA ASP B 522 -0.40 -19.75 6.52
C ASP B 522 -0.89 -20.32 5.19
N ASP B 523 -1.47 -19.44 4.37
CA ASP B 523 -1.97 -19.87 3.07
C ASP B 523 -0.84 -20.31 2.16
N ASP B 524 0.26 -19.57 2.14
CA ASP B 524 1.36 -19.84 1.23
C ASP B 524 2.48 -20.64 1.89
N GLY B 525 2.32 -21.07 3.13
CA GLY B 525 3.38 -21.81 3.80
C GLY B 525 3.00 -22.37 5.16
N GLY B 526 3.95 -22.36 6.08
CA GLY B 526 3.77 -22.95 7.39
C GLY B 526 4.40 -24.32 7.47
N ALA B 527 4.10 -25.01 8.57
CA ALA B 527 4.59 -26.37 8.81
C ALA B 527 3.62 -27.42 8.31
N ILE B 528 2.94 -27.14 7.21
CA ILE B 528 1.80 -27.94 6.75
C ILE B 528 2.06 -28.43 5.34
N SER B 529 1.37 -29.49 4.96
CA SER B 529 1.37 -30.01 3.60
C SER B 529 0.01 -29.77 2.97
N ALA B 530 -0.07 -30.03 1.66
CA ALA B 530 -1.32 -29.80 0.94
C ALA B 530 -2.43 -30.71 1.46
N GLY B 531 -2.12 -31.98 1.70
CA GLY B 531 -3.10 -32.88 2.28
C GLY B 531 -3.50 -32.46 3.69
N GLU B 532 -2.53 -32.04 4.50
CA GLU B 532 -2.84 -31.58 5.84
C GLU B 532 -3.61 -30.27 5.83
N LYS B 533 -3.32 -29.40 4.86
CA LYS B 533 -4.12 -28.19 4.70
C LYS B 533 -5.56 -28.53 4.35
N GLN B 534 -5.77 -29.50 3.47
CA GLN B 534 -7.11 -29.95 3.15
C GLN B 534 -7.79 -30.56 4.37
N LEU B 535 -7.04 -31.31 5.18
CA LEU B 535 -7.61 -31.87 6.40
C LEU B 535 -8.02 -30.78 7.37
N ILE B 536 -7.22 -29.73 7.48
CA ILE B 536 -7.57 -28.62 8.36
C ILE B 536 -8.84 -27.94 7.87
N THR B 537 -8.97 -27.76 6.55
CA THR B 537 -10.19 -27.18 6.02
C THR B 537 -11.40 -28.09 6.28
N ILE B 538 -11.20 -29.40 6.18
CA ILE B 538 -12.28 -30.34 6.49
C ILE B 538 -12.70 -30.21 7.94
N ALA B 539 -11.73 -30.14 8.86
CA ALA B 539 -12.05 -29.97 10.27
C ALA B 539 -12.74 -28.65 10.53
N ARG B 540 -12.31 -27.59 9.83
CA ARG B 540 -12.95 -26.28 9.98
C ARG B 540 -14.40 -26.33 9.54
N ALA B 541 -14.69 -27.01 8.44
CA ALA B 541 -16.08 -27.15 8.00
C ALA B 541 -16.89 -28.04 8.94
N VAL B 542 -16.24 -29.04 9.54
CA VAL B 542 -16.95 -29.96 10.43
C VAL B 542 -17.32 -29.26 11.74
N LEU B 543 -16.42 -28.43 12.25
CA LEU B 543 -16.69 -27.72 13.50
C LEU B 543 -17.87 -26.77 13.39
N ALA B 544 -18.19 -26.31 12.18
CA ALA B 544 -19.30 -25.38 12.00
C ALA B 544 -20.66 -26.03 12.19
N ARG B 545 -20.71 -27.34 12.43
CA ARG B 545 -21.93 -28.14 12.54
C ARG B 545 -23.02 -27.68 11.56
N PRO B 546 -22.73 -27.69 10.26
CA PRO B 546 -23.67 -27.12 9.29
C PRO B 546 -24.94 -27.96 9.16
N LYS B 547 -26.02 -27.28 8.79
CA LYS B 547 -27.25 -27.97 8.45
C LYS B 547 -27.22 -28.53 7.04
N LEU B 548 -26.47 -27.90 6.15
CA LEU B 548 -26.25 -28.37 4.79
C LEU B 548 -24.75 -28.49 4.56
N LEU B 549 -24.33 -29.62 4.00
CA LEU B 549 -22.92 -29.94 3.81
C LEU B 549 -22.58 -29.96 2.33
N VAL B 550 -21.53 -29.23 1.95
CA VAL B 550 -21.02 -29.23 0.59
C VAL B 550 -19.52 -29.52 0.67
N LEU B 551 -19.10 -30.66 0.15
CA LEU B 551 -17.69 -31.02 0.08
C LEU B 551 -17.29 -31.01 -1.39
N ASP B 552 -16.68 -29.90 -1.81
CA ASP B 552 -16.27 -29.70 -3.20
C ASP B 552 -14.85 -30.22 -3.35
N GLU B 553 -14.72 -31.50 -3.70
CA GLU B 553 -13.43 -32.17 -3.85
C GLU B 553 -12.60 -32.05 -2.58
N ALA B 554 -13.15 -32.58 -1.49
CA ALA B 554 -12.58 -32.41 -0.17
C ALA B 554 -11.42 -33.37 0.12
N THR B 555 -11.24 -34.41 -0.68
CA THR B 555 -10.17 -35.38 -0.44
C THR B 555 -9.27 -35.54 -1.66
N SER B 556 -9.16 -34.49 -2.48
CA SER B 556 -8.34 -34.56 -3.67
C SER B 556 -6.86 -34.72 -3.31
N SER B 557 -6.40 -34.00 -2.29
CA SER B 557 -5.01 -34.04 -1.85
C SER B 557 -4.76 -35.02 -0.71
N VAL B 558 -5.76 -35.78 -0.30
CA VAL B 558 -5.66 -36.69 0.83
C VAL B 558 -5.63 -38.12 0.32
N ASP B 559 -4.75 -38.94 0.89
CA ASP B 559 -4.61 -40.31 0.46
C ASP B 559 -5.86 -41.12 0.77
N THR B 560 -5.99 -42.26 0.08
CA THR B 560 -7.20 -43.08 0.22
C THR B 560 -7.29 -43.74 1.58
N ARG B 561 -6.14 -44.14 2.15
CA ARG B 561 -6.16 -44.75 3.48
C ARG B 561 -6.66 -43.77 4.53
N THR B 562 -6.22 -42.51 4.46
CA THR B 562 -6.72 -41.50 5.38
C THR B 562 -8.15 -41.11 5.06
N GLU B 563 -8.50 -41.08 3.77
CA GLU B 563 -9.84 -40.67 3.39
C GLU B 563 -10.89 -41.69 3.80
N LEU B 564 -10.52 -42.98 3.88
CA LEU B 564 -11.46 -43.98 4.38
C LEU B 564 -11.80 -43.73 5.84
N LEU B 565 -10.80 -43.45 6.67
CA LEU B 565 -11.06 -43.13 8.07
C LEU B 565 -11.84 -41.83 8.18
N ILE B 566 -11.56 -40.85 7.31
CA ILE B 566 -12.29 -39.60 7.32
C ILE B 566 -13.77 -39.86 7.01
N ALA B 567 -14.04 -40.69 6.01
CA ALA B 567 -15.43 -41.02 5.68
C ALA B 567 -16.12 -41.76 6.82
N HIS B 568 -15.40 -42.66 7.47
CA HIS B 568 -15.97 -43.36 8.63
C HIS B 568 -16.33 -42.38 9.73
N ALA B 569 -15.46 -41.41 10.00
CA ALA B 569 -15.74 -40.44 11.05
C ALA B 569 -16.84 -39.46 10.65
N MET B 570 -16.93 -39.11 9.36
CA MET B 570 -17.90 -38.14 8.89
C MET B 570 -19.23 -38.77 8.49
N ALA B 571 -19.36 -40.10 8.59
CA ALA B 571 -20.66 -40.72 8.39
C ALA B 571 -21.70 -40.17 9.35
N GLU B 572 -21.28 -39.70 10.53
CA GLU B 572 -22.22 -39.08 11.46
C GLU B 572 -22.83 -37.81 10.88
N LEU B 573 -22.00 -36.96 10.26
CA LEU B 573 -22.48 -35.73 9.65
C LEU B 573 -23.20 -35.96 8.33
N ARG B 574 -22.77 -36.96 7.56
CA ARG B 574 -23.35 -37.19 6.24
C ARG B 574 -24.76 -37.76 6.30
N ARG B 575 -25.20 -38.20 7.48
CA ARG B 575 -26.48 -38.90 7.57
C ARG B 575 -27.67 -37.95 7.40
N ASP B 576 -27.64 -36.80 8.07
CA ASP B 576 -28.83 -35.96 8.17
C ASP B 576 -28.58 -34.51 7.77
N ARG B 577 -27.60 -34.25 6.90
CA ARG B 577 -27.27 -32.86 6.55
C ARG B 577 -27.27 -32.60 5.05
N THR B 578 -27.86 -33.49 4.25
CA THR B 578 -28.01 -33.28 2.80
C THR B 578 -26.68 -32.91 2.15
N SER B 579 -25.75 -33.85 2.20
CA SER B 579 -24.40 -33.60 1.72
C SER B 579 -24.36 -33.52 0.20
N PHE B 580 -23.71 -32.48 -0.32
CA PHE B 580 -23.41 -32.36 -1.75
C PHE B 580 -21.94 -32.71 -1.93
N ILE B 581 -21.68 -33.81 -2.63
CA ILE B 581 -20.33 -34.34 -2.80
C ILE B 581 -19.93 -34.14 -4.26
N ILE B 582 -18.82 -33.45 -4.47
CA ILE B 582 -18.17 -33.36 -5.77
C ILE B 582 -16.85 -34.10 -5.66
N ALA B 583 -16.69 -35.16 -6.45
CA ALA B 583 -15.50 -35.99 -6.35
C ALA B 583 -15.21 -36.62 -7.70
N HIS B 584 -13.92 -36.65 -8.05
CA HIS B 584 -13.49 -37.41 -9.21
C HIS B 584 -13.11 -38.84 -8.84
N ARG B 585 -13.03 -39.16 -7.56
CA ARG B 585 -12.84 -40.53 -7.10
C ARG B 585 -14.22 -41.16 -6.92
N LEU B 586 -14.58 -42.07 -7.82
CA LEU B 586 -15.90 -42.67 -7.77
C LEU B 586 -16.10 -43.57 -6.55
N SER B 587 -15.02 -44.08 -5.96
CA SER B 587 -15.15 -44.88 -4.75
C SER B 587 -15.69 -44.05 -3.59
N THR B 588 -15.28 -42.79 -3.49
CA THR B 588 -15.76 -41.93 -2.42
C THR B 588 -17.25 -41.60 -2.56
N ILE B 589 -17.77 -41.54 -3.79
CA ILE B 589 -19.17 -41.23 -4.02
C ILE B 589 -20.00 -42.48 -4.27
N ARG B 590 -19.40 -43.67 -4.18
CA ARG B 590 -20.18 -44.90 -4.25
C ARG B 590 -21.18 -44.94 -3.10
N ASP B 591 -22.26 -45.70 -3.31
CA ASP B 591 -23.38 -45.88 -2.39
C ASP B 591 -24.06 -44.56 -2.00
N ALA B 592 -23.78 -43.48 -2.71
CA ALA B 592 -24.51 -42.24 -2.51
C ALA B 592 -25.96 -42.40 -2.97
N ASP B 593 -26.87 -41.70 -2.29
CA ASP B 593 -28.29 -41.83 -2.59
C ASP B 593 -28.61 -41.37 -4.00
N LEU B 594 -28.03 -40.25 -4.42
CA LEU B 594 -28.24 -39.72 -5.77
C LEU B 594 -26.90 -39.32 -6.34
N ILE B 595 -26.63 -39.73 -7.59
CA ILE B 595 -25.42 -39.38 -8.30
C ILE B 595 -25.81 -38.61 -9.54
N LEU B 596 -25.25 -37.40 -9.69
CA LEU B 596 -25.49 -36.57 -10.85
C LEU B 596 -24.27 -36.60 -11.77
N VAL B 597 -24.50 -36.88 -13.05
CA VAL B 597 -23.46 -36.85 -14.06
C VAL B 597 -23.78 -35.70 -15.00
N MET B 598 -22.95 -34.67 -14.99
CA MET B 598 -23.12 -33.50 -15.85
C MET B 598 -21.88 -33.32 -16.70
N ASP B 599 -22.08 -32.91 -17.95
CA ASP B 599 -20.99 -32.88 -18.92
C ASP B 599 -20.65 -31.48 -19.40
N SER B 600 -21.63 -30.72 -19.87
CA SER B 600 -21.41 -29.37 -20.37
C SER B 600 -22.38 -28.39 -19.72
N GLY B 601 -22.50 -28.49 -18.41
CA GLY B 601 -23.45 -27.67 -17.69
C GLY B 601 -24.86 -28.21 -17.66
N ARG B 602 -25.08 -29.40 -18.20
CA ARG B 602 -26.38 -30.06 -18.15
C ARG B 602 -26.21 -31.43 -17.50
N ILE B 603 -27.18 -31.80 -16.66
CA ILE B 603 -27.18 -33.15 -16.09
C ILE B 603 -27.64 -34.12 -17.17
N ILE B 604 -26.68 -34.80 -17.79
CA ILE B 604 -27.01 -35.70 -18.90
C ILE B 604 -27.58 -37.02 -18.42
N GLU B 605 -27.32 -37.41 -17.17
CA GLU B 605 -27.82 -38.66 -16.63
C GLU B 605 -27.73 -38.66 -15.11
N ARG B 606 -28.71 -39.26 -14.43
CA ARG B 606 -28.77 -39.20 -12.99
C ARG B 606 -29.42 -40.47 -12.45
N GLY B 607 -29.19 -40.73 -11.17
CA GLY B 607 -29.68 -41.93 -10.52
C GLY B 607 -28.66 -42.44 -9.55
N THR B 608 -29.01 -43.55 -8.90
CA THR B 608 -28.09 -44.17 -7.96
C THR B 608 -27.06 -45.01 -8.70
N HIS B 609 -26.12 -45.57 -7.93
CA HIS B 609 -25.02 -46.32 -8.52
C HIS B 609 -25.53 -47.52 -9.31
N GLU B 610 -26.48 -48.26 -8.73
CA GLU B 610 -26.99 -49.46 -9.38
C GLU B 610 -27.74 -49.13 -10.67
N GLU B 611 -28.61 -48.12 -10.63
CA GLU B 611 -29.35 -47.74 -11.83
C GLU B 611 -28.42 -47.19 -12.91
N LEU B 612 -27.44 -46.38 -12.52
CA LEU B 612 -26.50 -45.83 -13.50
C LEU B 612 -25.67 -46.94 -14.12
N LEU B 613 -25.26 -47.94 -13.34
CA LEU B 613 -24.56 -49.09 -13.91
C LEU B 613 -25.47 -49.87 -14.86
N ALA B 614 -26.73 -50.09 -14.46
CA ALA B 614 -27.66 -50.82 -15.31
C ALA B 614 -27.99 -50.06 -16.58
N ARG B 615 -28.15 -48.75 -16.50
CA ARG B 615 -28.45 -47.92 -17.65
C ARG B 615 -27.26 -47.76 -18.59
N HIS B 616 -26.06 -48.12 -18.14
CA HIS B 616 -24.81 -47.92 -18.88
C HIS B 616 -24.59 -46.42 -18.99
N GLY B 617 -24.41 -45.85 -20.18
CA GLY B 617 -24.22 -44.43 -20.29
C GLY B 617 -22.84 -43.99 -19.83
N ARG B 618 -22.77 -42.71 -19.45
CA ARG B 618 -21.47 -42.11 -19.12
C ARG B 618 -20.90 -42.66 -17.83
N TYR B 619 -21.73 -42.82 -16.80
CA TYR B 619 -21.24 -43.27 -15.50
C TYR B 619 -20.62 -44.66 -15.60
N TRP B 620 -21.25 -45.55 -16.38
CA TRP B 620 -20.69 -46.88 -16.59
C TRP B 620 -19.31 -46.80 -17.25
N GLU B 621 -19.16 -45.92 -18.23
CA GLU B 621 -17.87 -45.74 -18.88
C GLU B 621 -16.83 -45.21 -17.91
N MET B 622 -17.22 -44.25 -17.07
CA MET B 622 -16.28 -43.71 -16.09
C MET B 622 -15.83 -44.78 -15.11
N THR B 623 -16.77 -45.62 -14.64
CA THR B 623 -16.39 -46.66 -13.68
C THR B 623 -15.54 -47.74 -14.35
N ARG B 624 -15.81 -48.03 -15.63
CA ARG B 624 -15.01 -48.99 -16.38
C ARG B 624 -13.60 -48.51 -16.71
N VAL B 625 -13.29 -47.24 -16.49
CA VAL B 625 -11.93 -46.77 -16.72
C VAL B 625 -10.95 -47.47 -15.78
N HIS B 626 -11.38 -47.72 -14.54
CA HIS B 626 -10.54 -48.44 -13.60
C HIS B 626 -10.27 -49.87 -14.09
N LEU B 627 -11.28 -50.53 -14.64
CA LEU B 627 -11.13 -51.89 -15.14
C LEU B 627 -10.42 -51.96 -16.48
N GLY B 628 -10.29 -50.84 -17.18
CA GLY B 628 -9.61 -50.83 -18.46
C GLY B 628 -10.48 -51.38 -19.58
N GLY B 629 -9.86 -51.53 -20.74
CA GLY B 629 -10.53 -52.05 -21.91
C GLY B 629 -9.73 -51.86 -23.19
PG ATP C . 0.57 -34.39 0.91
O1G ATP C . -0.06 -34.01 2.19
O2G ATP C . 0.50 -35.88 0.60
O3G ATP C . 0.04 -33.61 -0.29
PB ATP C . 3.52 -34.77 1.21
O1B ATP C . 3.33 -36.14 1.71
O2B ATP C . 4.36 -34.63 -0.05
O3B ATP C . 2.14 -34.05 0.94
PA ATP C . 5.11 -32.56 2.36
O1A ATP C . 4.46 -31.36 1.81
O2A ATP C . 6.41 -32.96 1.68
O3A ATP C . 4.16 -33.82 2.32
O5' ATP C . 5.40 -32.39 3.90
C5' ATP C . 5.99 -33.47 4.67
C4' ATP C . 6.11 -33.00 6.10
O4' ATP C . 6.85 -31.76 6.13
C3' ATP C . 4.78 -32.72 6.80
O3' ATP C . 4.49 -33.75 7.74
C2' ATP C . 5.00 -31.36 7.48
O2' ATP C . 4.65 -31.42 8.87
C1' ATP C . 6.49 -31.12 7.33
N9 ATP C . 6.87 -29.71 7.21
C8 ATP C . 7.47 -28.94 8.18
N7 ATP C . 7.70 -27.71 7.81
C5 ATP C . 7.23 -27.66 6.51
C6 ATP C . 7.17 -26.63 5.56
N6 ATP C . 7.63 -25.39 5.77
N1 ATP C . 6.64 -26.91 4.35
C2 ATP C . 6.18 -28.15 4.13
N3 ATP C . 6.17 -29.20 4.95
C4 ATP C . 6.71 -28.89 6.13
MG MG D . 2.46 -32.72 -1.30
PB ADP E . -16.26 -27.81 -13.04
O1B ADP E . -14.78 -27.76 -13.11
O2B ADP E . -16.84 -28.99 -13.78
O3B ADP E . -16.76 -27.71 -11.63
PA ADP E . -16.87 -24.95 -13.28
O1A ADP E . -17.68 -24.97 -12.03
O2A ADP E . -15.52 -24.34 -13.23
O3A ADP E . -16.73 -26.47 -13.81
O5' ADP E . -17.73 -24.28 -14.45
C5' ADP E . -17.36 -24.54 -15.83
C4' ADP E . -16.61 -23.35 -16.38
O4' ADP E . -16.77 -22.22 -15.50
C3' ADP E . -15.10 -23.54 -16.55
O3' ADP E . -14.74 -23.59 -17.94
C2' ADP E . -14.45 -22.34 -15.85
O2' ADP E . -13.46 -21.72 -16.63
C1' ADP E . -15.64 -21.40 -15.62
N9 ADP E . -15.52 -20.60 -14.40
C8 ADP E . -15.54 -21.06 -13.11
N7 ADP E . -15.41 -20.12 -12.22
C5 ADP E . -15.28 -18.96 -12.97
C6 ADP E . -15.12 -17.61 -12.60
N6 ADP E . -15.05 -17.20 -11.33
N1 ADP E . -15.03 -16.69 -13.59
C2 ADP E . -15.11 -17.11 -14.85
N3 ADP E . -15.27 -18.35 -15.32
C4 ADP E . -15.35 -19.24 -14.32
V VO4 F . -12.78 -29.53 -11.62
O1 VO4 F . -13.98 -30.79 -12.40
O2 VO4 F . -11.59 -30.44 -10.44
O3 VO4 F . -11.77 -28.67 -12.98
O4 VO4 F . -13.77 -28.23 -10.64
MG MG G . -13.96 -26.62 -9.54
#